data_5QAO
#
_entry.id   5QAO
#
_cell.length_a   88.770
_cell.length_b   107.275
_cell.length_c   125.312
_cell.angle_alpha   90.000
_cell.angle_beta   90.000
_cell.angle_gamma   90.000
#
_symmetry.space_group_name_H-M   'P 21 21 21'
#
loop_
_entity.id
_entity.type
_entity.pdbx_description
1 polymer Beta-lactamase
2 non-polymer '3-[4-(methylsulfonylaminomethyl)phenyl]benzoic acid'
3 non-polymer 'CHLORIDE ION'
4 non-polymer 'DIMETHYL SULFOXIDE'
5 non-polymer 1,2-ETHANEDIOL
6 water water
#
_entity_poly.entity_id   1
_entity_poly.type   'polypeptide(L)'
_entity_poly.pdbx_seq_one_letter_code
;KEWQENKSWNAHFTEHKSQGVVVLWNENKQQGFTNNLKRANQAFLPASTF(KCX)IPNSLIALDLGVVKDEHQVFKWDGQ
TRDIATWNRDHNLITAMKYSVVPVYQEFARQIGEARMSKMLHAFDYGNEDISGNVDSFWLDGGIRISATEQISFLRKLYH
NKLHVSERSQRIVKQAMLTEANGDYIIRAKTGYSTRIEPKIGWWVGWVELDDNVWFFAMNMDMPTSDGLGLRQAITKEVL
KQEKIIP
;
_entity_poly.pdbx_strand_id   A,B,C,D
#
loop_
_chem_comp.id
_chem_comp.type
_chem_comp.name
_chem_comp.formula
CL non-polymer 'CHLORIDE ION' 'Cl -1'
DMS non-polymer 'DIMETHYL SULFOXIDE' 'C2 H6 O S'
EDO non-polymer 1,2-ETHANEDIOL 'C2 H6 O2'
Z8R non-polymer '3-[4-(methylsulfonylaminomethyl)phenyl]benzoic acid' 'C15 H15 N O4 S'
#
# COMPACT_ATOMS: atom_id res chain seq x y z
N GLU A 2 -12.92 41.52 31.13
CA GLU A 2 -12.05 42.39 30.35
C GLU A 2 -11.08 41.52 29.57
N TRP A 3 -10.21 42.17 28.80
CA TRP A 3 -9.18 41.53 28.01
C TRP A 3 -7.86 42.23 28.27
N GLN A 4 -6.78 41.45 28.19
CA GLN A 4 -5.45 41.93 28.52
C GLN A 4 -4.45 41.27 27.59
N GLU A 5 -3.63 42.07 26.93
CA GLU A 5 -2.63 41.56 26.00
C GLU A 5 -1.31 41.36 26.74
N ASN A 6 -0.75 40.16 26.61
CA ASN A 6 0.49 39.78 27.27
C ASN A 6 1.45 39.34 26.18
N LYS A 7 2.22 40.28 25.65
CA LYS A 7 3.14 39.97 24.55
C LYS A 7 4.33 39.13 25.00
N SER A 8 4.53 38.95 26.31
CA SER A 8 5.62 38.09 26.77
C SER A 8 5.43 36.67 26.26
N TRP A 9 4.18 36.25 26.03
CA TRP A 9 3.93 34.92 25.49
C TRP A 9 4.46 34.75 24.07
N ASN A 10 4.68 35.85 23.34
CA ASN A 10 5.22 35.73 21.99
C ASN A 10 6.53 34.94 21.96
N ALA A 11 7.27 34.95 23.07
CA ALA A 11 8.52 34.20 23.14
C ALA A 11 8.29 32.71 22.89
N HIS A 12 7.16 32.18 23.36
CA HIS A 12 6.89 30.75 23.17
C HIS A 12 6.71 30.40 21.70
N PHE A 13 6.26 31.35 20.87
CA PHE A 13 6.20 31.12 19.43
C PHE A 13 7.54 31.40 18.77
N THR A 14 8.19 32.50 19.16
CA THR A 14 9.49 32.83 18.59
C THR A 14 10.48 31.71 18.86
N GLU A 15 10.52 31.23 20.09
CA GLU A 15 11.36 30.12 20.51
C GLU A 15 11.36 28.98 19.49
N HIS A 16 10.18 28.71 18.91
CA HIS A 16 10.01 27.62 17.97
C HIS A 16 9.91 28.08 16.51
N LYS A 17 10.40 29.28 16.20
CA LYS A 17 10.38 29.77 14.82
C LYS A 17 8.96 29.76 14.28
N SER A 18 8.00 30.12 15.13
CA SER A 18 6.58 30.04 14.81
C SER A 18 5.89 31.38 15.03
N GLN A 19 4.68 31.48 14.50
CA GLN A 19 3.78 32.60 14.74
C GLN A 19 2.40 32.06 15.08
N GLY A 20 1.75 32.66 16.07
CA GLY A 20 0.42 32.21 16.44
C GLY A 20 -0.15 33.05 17.55
N VAL A 21 -1.29 32.60 18.06
CA VAL A 21 -1.97 33.26 19.17
C VAL A 21 -2.45 32.22 20.16
N VAL A 22 -2.32 32.52 21.44
CA VAL A 22 -2.98 31.79 22.51
C VAL A 22 -3.96 32.74 23.18
N VAL A 23 -5.18 32.26 23.41
CA VAL A 23 -6.20 33.00 24.14
C VAL A 23 -6.61 32.17 25.35
N LEU A 24 -6.52 32.77 26.53
CA LEU A 24 -6.93 32.14 27.78
C LEU A 24 -8.11 32.90 28.37
N TRP A 25 -9.00 32.16 29.04
CA TRP A 25 -10.14 32.75 29.72
C TRP A 25 -10.27 32.15 31.11
N ASN A 26 -10.16 33.00 32.13
CA ASN A 26 -10.33 32.61 33.53
C ASN A 26 -11.83 32.68 33.86
N GLU A 27 -12.45 31.52 34.04
CA GLU A 27 -13.90 31.50 34.22
C GLU A 27 -14.32 32.15 35.53
N ASN A 28 -13.59 31.88 36.62
CA ASN A 28 -13.94 32.48 37.90
C ASN A 28 -13.86 33.99 37.85
N LYS A 29 -12.80 34.54 37.25
CA LYS A 29 -12.60 35.97 37.19
C LYS A 29 -13.25 36.63 35.98
N GLN A 30 -13.76 35.84 35.02
CA GLN A 30 -14.33 36.40 33.81
C GLN A 30 -13.35 37.37 33.16
N GLN A 31 -12.12 36.91 32.99
CA GLN A 31 -11.03 37.71 32.41
C GLN A 31 -10.34 36.91 31.32
N GLY A 32 -9.99 37.58 30.23
CA GLY A 32 -9.30 36.96 29.13
C GLY A 32 -7.88 37.47 28.97
N PHE A 33 -7.01 36.64 28.37
CA PHE A 33 -5.61 36.98 28.18
C PHE A 33 -5.16 36.43 26.83
N THR A 34 -4.35 37.21 26.12
CA THR A 34 -3.81 36.78 24.83
C THR A 34 -2.50 37.48 24.56
N ASN A 35 -1.72 36.89 23.67
CA ASN A 35 -0.48 37.52 23.20
C ASN A 35 -0.71 38.45 22.02
N ASN A 36 -1.88 38.38 21.38
CA ASN A 36 -2.09 39.09 20.11
C ASN A 36 -3.59 39.31 19.94
N LEU A 37 -4.07 40.48 20.37
CA LEU A 37 -5.49 40.78 20.32
C LEU A 37 -6.01 40.73 18.88
N LYS A 38 -5.20 41.16 17.91
CA LYS A 38 -5.66 41.17 16.53
C LYS A 38 -5.87 39.75 16.02
N ARG A 39 -4.84 38.90 16.13
CA ARG A 39 -5.00 37.53 15.64
C ARG A 39 -6.01 36.75 16.46
N ALA A 40 -6.19 37.09 17.73
CA ALA A 40 -7.23 36.44 18.53
C ALA A 40 -8.60 36.60 17.90
N ASN A 41 -8.83 37.67 17.15
CA ASN A 41 -10.10 37.95 16.52
C ASN A 41 -10.09 37.72 15.01
N GLN A 42 -9.00 37.19 14.47
CA GLN A 42 -8.96 36.81 13.06
C GLN A 42 -9.56 35.43 12.88
N ALA A 43 -10.43 35.28 11.88
CA ALA A 43 -11.21 34.07 11.68
C ALA A 43 -10.54 33.15 10.67
N PHE A 44 -10.43 31.87 11.02
CA PHE A 44 -9.81 30.85 10.17
C PHE A 44 -10.78 29.71 9.97
N LEU A 45 -10.45 28.84 9.01
CA LEU A 45 -11.17 27.58 8.87
C LEU A 45 -11.06 26.80 10.18
N PRO A 46 -12.15 26.23 10.68
CA PRO A 46 -12.06 25.45 11.93
C PRO A 46 -11.40 24.09 11.75
N ALA A 47 -11.41 23.53 10.54
CA ALA A 47 -10.88 22.19 10.28
C ALA A 47 -11.43 21.25 11.34
N SER A 48 -10.62 20.38 11.93
CA SER A 48 -11.13 19.32 12.79
C SER A 48 -11.64 19.82 14.13
N THR A 49 -11.42 21.08 14.49
CA THR A 49 -12.12 21.59 15.67
C THR A 49 -13.63 21.62 15.44
N PHE A 50 -14.06 21.58 14.19
CA PHE A 50 -15.48 21.54 13.86
C PHE A 50 -16.12 20.21 14.27
N KCX A 51 -15.30 19.22 14.61
CA KCX A 51 -15.84 17.94 15.05
CB KCX A 51 -14.72 16.90 15.16
CG KCX A 51 -14.15 16.50 13.81
CD KCX A 51 -13.18 15.34 13.92
CE KCX A 51 -12.82 14.81 12.53
NZ KCX A 51 -12.08 15.83 11.74
C KCX A 51 -16.58 18.09 16.37
O KCX A 51 -17.38 17.22 16.74
CX KCX A 51 -12.69 16.52 10.76
OQ1 KCX A 51 -12.04 17.36 10.12
OQ2 KCX A 51 -13.87 16.31 10.48
H KCX A 51 -14.44 19.27 14.59
HA KCX A 51 -16.48 17.62 14.38
HB2 KCX A 51 -15.07 16.11 15.59
HG2 KCX A 51 -14.88 16.22 13.23
HD2 KCX A 51 -12.37 15.64 14.34
HE2 KCX A 51 -13.62 14.57 12.05
N ILE A 52 -16.35 19.18 17.10
CA ILE A 52 -17.09 19.41 18.34
C ILE A 52 -18.55 19.72 17.99
N PRO A 53 -18.81 20.82 17.26
CA PRO A 53 -20.21 21.09 16.89
C PRO A 53 -20.82 20.00 16.03
N ASN A 54 -20.04 19.41 15.12
CA ASN A 54 -20.55 18.33 14.28
C ASN A 54 -21.03 17.16 15.13
N SER A 55 -20.25 16.79 16.16
CA SER A 55 -20.66 15.71 17.05
C SER A 55 -21.95 16.07 17.80
N LEU A 56 -22.04 17.31 18.29
CA LEU A 56 -23.23 17.74 19.02
C LEU A 56 -24.47 17.61 18.15
N ILE A 57 -24.38 18.06 16.90
CA ILE A 57 -25.54 18.05 16.01
C ILE A 57 -25.92 16.61 15.67
N ALA A 58 -24.94 15.78 15.32
CA ALA A 58 -25.21 14.40 14.97
C ALA A 58 -25.90 13.67 16.12
N LEU A 59 -25.46 13.91 17.36
CA LEU A 59 -26.05 13.25 18.51
C LEU A 59 -27.47 13.74 18.76
N ASP A 60 -27.70 15.06 18.68
CA ASP A 60 -29.01 15.60 19.01
C ASP A 60 -30.06 15.21 17.97
N LEU A 61 -29.66 14.98 16.74
CA LEU A 61 -30.59 14.57 15.69
C LEU A 61 -30.75 13.07 15.58
N GLY A 62 -30.01 12.29 16.36
CA GLY A 62 -30.09 10.85 16.27
C GLY A 62 -29.27 10.23 15.16
N VAL A 63 -28.48 11.02 14.43
CA VAL A 63 -27.56 10.45 13.46
C VAL A 63 -26.56 9.53 14.15
N VAL A 64 -26.11 9.93 15.34
CA VAL A 64 -25.29 9.09 16.19
C VAL A 64 -26.13 8.76 17.42
N LYS A 65 -26.30 7.46 17.67
CA LYS A 65 -27.14 7.02 18.80
C LYS A 65 -26.43 7.27 20.12
N ASP A 66 -25.17 6.85 20.23
CA ASP A 66 -24.39 7.07 21.45
C ASP A 66 -22.92 6.89 21.11
N GLU A 67 -22.07 7.02 22.14
CA GLU A 67 -20.63 6.99 21.94
C GLU A 67 -20.09 5.58 21.72
N HIS A 68 -20.93 4.55 21.77
CA HIS A 68 -20.51 3.19 21.50
C HIS A 68 -20.84 2.73 20.09
N GLN A 69 -21.76 3.40 19.41
CA GLN A 69 -22.13 3.01 18.06
C GLN A 69 -20.90 2.95 17.17
N VAL A 70 -20.77 1.85 16.44
CA VAL A 70 -19.62 1.61 15.59
C VAL A 70 -19.91 2.15 14.20
N PHE A 71 -18.97 2.92 13.67
CA PHE A 71 -19.02 3.41 12.30
C PHE A 71 -18.01 2.61 11.50
N LYS A 72 -18.50 1.71 10.67
CA LYS A 72 -17.63 0.75 10.00
C LYS A 72 -16.76 1.45 8.97
N TRP A 73 -15.50 1.06 8.91
CA TRP A 73 -14.61 1.52 7.85
C TRP A 73 -15.19 1.16 6.49
N ASP A 74 -15.17 2.13 5.58
CA ASP A 74 -15.74 1.92 4.25
C ASP A 74 -14.83 1.11 3.33
N GLY A 75 -13.74 0.57 3.85
CA GLY A 75 -12.85 -0.26 3.07
C GLY A 75 -11.96 0.48 2.10
N GLN A 76 -11.98 1.81 2.10
CA GLN A 76 -11.11 2.59 1.23
C GLN A 76 -9.86 2.98 2.01
N THR A 77 -8.71 2.51 1.52
CA THR A 77 -7.45 2.78 2.20
C THR A 77 -7.06 4.24 2.06
N ARG A 78 -6.81 4.90 3.18
CA ARG A 78 -6.38 6.29 3.21
C ARG A 78 -5.01 6.37 3.86
N ASP A 79 -4.35 7.52 3.68
CA ASP A 79 -2.95 7.64 4.07
C ASP A 79 -2.72 7.69 5.57
N ILE A 80 -3.78 7.77 6.37
CA ILE A 80 -3.67 7.79 7.82
C ILE A 80 -4.16 6.44 8.32
N ALA A 81 -3.22 5.62 8.83
CA ALA A 81 -3.53 4.24 9.15
C ALA A 81 -4.68 4.13 10.15
N THR A 82 -4.69 5.00 11.16
CA THR A 82 -5.74 4.92 12.17
C THR A 82 -7.13 5.17 11.58
N TRP A 83 -7.21 5.76 10.39
CA TRP A 83 -8.50 5.94 9.74
C TRP A 83 -9.01 4.68 9.08
N ASN A 84 -8.14 3.71 8.79
CA ASN A 84 -8.53 2.50 8.07
C ASN A 84 -8.97 1.41 9.04
N ARG A 85 -9.99 1.73 9.82
CA ARG A 85 -10.51 0.81 10.82
C ARG A 85 -11.87 1.32 11.30
N ASP A 86 -12.58 0.46 12.03
CA ASP A 86 -13.84 0.86 12.63
C ASP A 86 -13.60 1.88 13.74
N HIS A 87 -14.59 2.74 13.95
CA HIS A 87 -14.51 3.77 14.98
C HIS A 87 -15.86 3.95 15.66
N ASN A 88 -15.81 4.44 16.89
CA ASN A 88 -16.96 5.03 17.55
C ASN A 88 -16.69 6.52 17.74
N LEU A 89 -17.61 7.21 18.41
CA LEU A 89 -17.45 8.65 18.55
C LEU A 89 -16.17 8.99 19.28
N ILE A 90 -15.81 8.21 20.30
CA ILE A 90 -14.62 8.50 21.09
C ILE A 90 -13.36 8.41 20.22
N THR A 91 -13.19 7.29 19.52
CA THR A 91 -11.98 7.09 18.73
C THR A 91 -11.96 7.96 17.49
N ALA A 92 -13.13 8.23 16.90
CA ALA A 92 -13.18 9.12 15.74
C ALA A 92 -12.72 10.52 16.10
N MET A 93 -13.07 10.99 17.30
CA MET A 93 -12.58 12.29 17.76
C MET A 93 -11.09 12.23 18.07
N LYS A 94 -10.67 11.17 18.77
CA LYS A 94 -9.27 11.03 19.17
C LYS A 94 -8.34 11.07 17.98
N TYR A 95 -8.69 10.35 16.90
CA TYR A 95 -7.86 10.28 15.72
C TYR A 95 -8.32 11.21 14.60
N SER A 96 -9.26 12.11 14.90
CA SER A 96 -9.70 13.13 13.95
C SER A 96 -10.04 12.50 12.61
N VAL A 97 -10.95 11.53 12.65
CA VAL A 97 -11.26 10.72 11.48
C VAL A 97 -12.23 11.44 10.58
N VAL A 98 -11.69 12.20 9.63
CA VAL A 98 -12.51 13.02 8.73
C VAL A 98 -13.62 12.21 8.06
N PRO A 99 -13.35 11.06 7.43
CA PRO A 99 -14.42 10.39 6.66
C PRO A 99 -15.62 9.98 7.50
N VAL A 100 -15.43 9.69 8.80
CA VAL A 100 -16.57 9.40 9.66
C VAL A 100 -17.45 10.64 9.80
N TYR A 101 -16.83 11.79 10.02
CA TYR A 101 -17.57 13.03 10.21
C TYR A 101 -18.15 13.58 8.91
N GLN A 102 -17.53 13.26 7.78
CA GLN A 102 -18.14 13.62 6.50
C GLN A 102 -19.47 12.90 6.32
N GLU A 103 -19.54 11.63 6.73
CA GLU A 103 -20.81 10.91 6.68
C GLU A 103 -21.83 11.51 7.64
N PHE A 104 -21.40 11.90 8.85
CA PHE A 104 -22.29 12.63 9.75
C PHE A 104 -22.92 13.81 9.03
N ALA A 105 -22.08 14.65 8.41
CA ALA A 105 -22.57 15.87 7.79
C ALA A 105 -23.55 15.58 6.68
N ARG A 106 -23.28 14.55 5.87
CA ARG A 106 -24.19 14.20 4.79
C ARG A 106 -25.54 13.77 5.33
N GLN A 107 -25.56 13.05 6.45
CA GLN A 107 -26.83 12.64 7.04
C GLN A 107 -27.51 13.80 7.75
N ILE A 108 -26.74 14.72 8.33
CA ILE A 108 -27.33 15.91 8.93
C ILE A 108 -28.03 16.75 7.85
N GLY A 109 -27.32 17.03 6.77
CA GLY A 109 -27.89 17.81 5.67
C GLY A 109 -27.64 19.30 5.85
N GLU A 110 -27.72 20.02 4.73
CA GLU A 110 -27.42 21.45 4.72
C GLU A 110 -28.35 22.23 5.64
N ALA A 111 -29.67 21.98 5.52
CA ALA A 111 -30.64 22.81 6.23
C ALA A 111 -30.44 22.72 7.74
N ARG A 112 -30.37 21.50 8.27
CA ARG A 112 -30.24 21.34 9.73
C ARG A 112 -28.87 21.78 10.22
N MET A 113 -27.82 21.57 9.41
CA MET A 113 -26.50 22.04 9.79
C MET A 113 -26.48 23.56 9.92
N SER A 114 -27.06 24.25 8.93
CA SER A 114 -27.09 25.71 8.96
C SER A 114 -27.86 26.23 10.16
N LYS A 115 -29.05 25.67 10.41
CA LYS A 115 -29.84 26.11 11.56
C LYS A 115 -29.09 25.90 12.86
N MET A 116 -28.42 24.75 13.02
CA MET A 116 -27.77 24.45 14.30
C MET A 116 -26.58 25.35 14.55
N LEU A 117 -25.79 25.65 13.51
CA LEU A 117 -24.65 26.54 13.71
C LEU A 117 -25.08 27.96 14.04
N HIS A 118 -26.20 28.41 13.46
CA HIS A 118 -26.74 29.70 13.87
C HIS A 118 -27.22 29.65 15.32
N ALA A 119 -27.90 28.56 15.69
CA ALA A 119 -28.34 28.40 17.08
C ALA A 119 -27.15 28.38 18.03
N PHE A 120 -26.03 27.79 17.60
CA PHE A 120 -24.82 27.78 18.40
C PHE A 120 -24.08 29.11 18.37
N ASP A 121 -24.47 30.03 17.47
CA ASP A 121 -23.73 31.26 17.26
C ASP A 121 -22.28 30.96 16.88
N TYR A 122 -22.08 29.91 16.08
CA TYR A 122 -20.76 29.35 15.84
C TYR A 122 -20.08 30.09 14.70
N GLY A 123 -19.04 30.85 15.02
CA GLY A 123 -18.25 31.51 14.01
C GLY A 123 -19.09 32.42 13.15
N ASN A 124 -18.81 32.42 11.85
CA ASN A 124 -19.61 33.19 10.91
C ASN A 124 -20.85 32.43 10.45
N GLU A 125 -21.08 31.24 10.97
CA GLU A 125 -22.32 30.49 10.75
C GLU A 125 -22.58 30.22 9.27
N ASP A 126 -21.53 30.20 8.45
CA ASP A 126 -21.65 30.08 7.00
C ASP A 126 -21.13 28.71 6.57
N ILE A 127 -22.02 27.87 6.06
CA ILE A 127 -21.66 26.53 5.62
C ILE A 127 -21.51 26.46 4.09
N SER A 128 -21.31 27.61 3.43
CA SER A 128 -21.14 27.62 1.99
C SER A 128 -20.07 26.63 1.57
N GLY A 129 -20.35 25.90 0.50
CA GLY A 129 -19.46 24.84 0.03
C GLY A 129 -20.15 23.49 0.03
N ASN A 130 -19.38 22.42 -0.05
CA ASN A 130 -19.93 21.07 0.03
C ASN A 130 -20.28 20.71 1.47
N VAL A 131 -21.46 20.10 1.65
CA VAL A 131 -21.94 19.79 2.99
C VAL A 131 -20.97 18.86 3.72
N ASP A 132 -20.19 18.06 2.98
CA ASP A 132 -19.30 17.10 3.62
C ASP A 132 -17.84 17.58 3.67
N SER A 133 -17.59 18.88 3.44
CA SER A 133 -16.21 19.36 3.53
C SER A 133 -16.10 20.85 3.80
N PHE A 134 -17.21 21.54 4.10
CA PHE A 134 -17.16 23.00 4.18
C PHE A 134 -16.25 23.47 5.31
N TRP A 135 -16.09 22.67 6.37
CA TRP A 135 -15.18 23.04 7.45
C TRP A 135 -13.71 22.84 7.08
N LEU A 136 -13.43 22.24 5.93
CA LEU A 136 -12.07 22.06 5.44
C LEU A 136 -11.73 22.97 4.27
N ASP A 137 -12.71 23.30 3.41
CA ASP A 137 -12.43 24.16 2.27
C ASP A 137 -13.64 24.98 1.84
N GLY A 138 -14.60 25.20 2.73
CA GLY A 138 -15.78 26.00 2.45
C GLY A 138 -15.67 27.39 3.03
N GLY A 139 -16.82 27.97 3.34
CA GLY A 139 -16.89 29.35 3.76
C GLY A 139 -16.92 29.61 5.25
N ILE A 140 -16.95 28.56 6.07
CA ILE A 140 -17.09 28.74 7.52
C ILE A 140 -15.76 29.22 8.09
N ARG A 141 -15.85 30.15 9.04
CA ARG A 141 -14.70 30.75 9.67
C ARG A 141 -14.99 30.99 11.14
N ILE A 142 -13.96 30.87 11.98
CA ILE A 142 -14.12 31.11 13.41
C ILE A 142 -12.79 31.62 13.95
N SER A 143 -12.88 32.55 14.90
CA SER A 143 -11.71 33.10 15.56
C SER A 143 -11.44 32.37 16.88
N ALA A 144 -10.25 32.60 17.43
CA ALA A 144 -9.91 32.00 18.71
C ALA A 144 -10.86 32.47 19.82
N THR A 145 -11.19 33.77 19.83
CA THR A 145 -12.12 34.27 20.84
C THR A 145 -13.52 33.69 20.63
N GLU A 146 -13.91 33.45 19.38
CA GLU A 146 -15.22 32.84 19.12
C GLU A 146 -15.24 31.37 19.54
N GLN A 147 -14.11 30.67 19.41
CA GLN A 147 -14.03 29.31 19.92
C GLN A 147 -14.31 29.28 21.41
N ILE A 148 -13.72 30.21 22.16
CA ILE A 148 -13.91 30.24 23.61
C ILE A 148 -15.36 30.49 23.96
N SER A 149 -16.00 31.46 23.29
CA SER A 149 -17.41 31.71 23.56
C SER A 149 -18.24 30.46 23.35
N PHE A 150 -17.95 29.71 22.28
CA PHE A 150 -18.67 28.48 22.01
C PHE A 150 -18.36 27.42 23.07
N LEU A 151 -17.08 27.27 23.43
CA LEU A 151 -16.71 26.26 24.42
C LEU A 151 -17.33 26.55 25.79
N ARG A 152 -17.40 27.82 26.17
CA ARG A 152 -17.98 28.16 27.46
C ARG A 152 -19.44 27.72 27.55
N LYS A 153 -20.20 27.91 26.46
CA LYS A 153 -21.58 27.43 26.45
C LYS A 153 -21.64 25.92 26.57
N LEU A 154 -20.76 25.21 25.87
CA LEU A 154 -20.73 23.76 25.96
C LEU A 154 -20.43 23.32 27.39
N TYR A 155 -19.41 23.92 28.02
CA TYR A 155 -19.07 23.56 29.39
C TYR A 155 -20.27 23.69 30.32
N HIS A 156 -21.04 24.77 30.17
CA HIS A 156 -22.17 25.05 31.06
C HIS A 156 -23.46 24.41 30.57
N ASN A 157 -23.40 23.55 29.55
CA ASN A 157 -24.59 22.90 29.01
C ASN A 157 -25.62 23.92 28.51
N LYS A 158 -25.15 25.05 27.99
CA LYS A 158 -26.04 26.12 27.56
C LYS A 158 -26.26 26.14 26.05
N LEU A 159 -25.68 25.22 25.31
CA LEU A 159 -25.96 25.14 23.88
C LEU A 159 -27.36 24.60 23.67
N HIS A 160 -27.96 24.95 22.52
CA HIS A 160 -29.33 24.58 22.24
C HIS A 160 -29.43 23.16 21.69
N VAL A 161 -28.84 22.21 22.42
CA VAL A 161 -29.08 20.79 22.24
C VAL A 161 -29.26 20.19 23.63
N SER A 162 -29.63 18.92 23.67
CA SER A 162 -29.92 18.28 24.95
C SER A 162 -28.67 18.27 25.82
N GLU A 163 -28.90 18.21 27.14
CA GLU A 163 -27.79 18.03 28.08
C GLU A 163 -27.01 16.76 27.76
N ARG A 164 -27.73 15.68 27.42
CA ARG A 164 -27.08 14.41 27.11
C ARG A 164 -26.09 14.57 25.95
N SER A 165 -26.51 15.24 24.88
CA SER A 165 -25.62 15.45 23.74
C SER A 165 -24.35 16.18 24.16
N GLN A 166 -24.50 17.20 25.01
CA GLN A 166 -23.33 17.98 25.43
C GLN A 166 -22.44 17.16 26.36
N ARG A 167 -23.04 16.38 27.25
CA ARG A 167 -22.23 15.53 28.13
C ARG A 167 -21.44 14.51 27.33
N ILE A 168 -22.04 13.92 26.30
CA ILE A 168 -21.35 12.91 25.51
C ILE A 168 -20.18 13.52 24.77
N VAL A 169 -20.38 14.70 24.17
CA VAL A 169 -19.29 15.34 23.42
C VAL A 169 -18.15 15.70 24.34
N LYS A 170 -18.47 16.22 25.54
CA LYS A 170 -17.41 16.57 26.48
C LYS A 170 -16.64 15.34 26.92
N GLN A 171 -17.32 14.20 27.05
CA GLN A 171 -16.61 12.94 27.28
C GLN A 171 -15.65 12.65 26.13
N ALA A 172 -16.13 12.78 24.89
CA ALA A 172 -15.30 12.49 23.73
C ALA A 172 -14.15 13.47 23.58
N MET A 173 -14.24 14.66 24.17
CA MET A 173 -13.17 15.63 24.13
C MET A 173 -12.05 15.32 25.11
N LEU A 174 -12.24 14.36 26.02
CA LEU A 174 -11.23 14.07 27.02
C LEU A 174 -9.89 13.77 26.37
N THR A 175 -8.88 14.53 26.75
CA THR A 175 -7.54 14.41 26.17
C THR A 175 -6.49 13.98 27.17
N GLU A 176 -6.56 14.51 28.39
CA GLU A 176 -5.55 14.22 29.41
C GLU A 176 -6.17 14.41 30.78
N ALA A 177 -5.80 13.53 31.71
CA ALA A 177 -6.28 13.64 33.08
C ALA A 177 -5.24 13.06 34.01
N ASN A 178 -4.97 13.77 35.11
CA ASN A 178 -4.09 13.29 36.15
C ASN A 178 -4.58 13.89 37.47
N GLY A 179 -3.78 13.74 38.52
CA GLY A 179 -4.18 14.25 39.82
C GLY A 179 -4.27 15.76 39.92
N ASP A 180 -3.74 16.49 38.93
CA ASP A 180 -3.68 17.94 39.01
C ASP A 180 -4.65 18.67 38.09
N TYR A 181 -5.04 18.08 36.96
CA TYR A 181 -5.92 18.77 36.03
C TYR A 181 -6.51 17.78 35.03
N ILE A 182 -7.57 18.21 34.37
CA ILE A 182 -8.20 17.49 33.27
C ILE A 182 -8.27 18.43 32.07
N ILE A 183 -7.85 17.95 30.91
CA ILE A 183 -7.95 18.72 29.67
C ILE A 183 -8.97 18.04 28.76
N ARG A 184 -9.98 18.80 28.34
CA ARG A 184 -10.89 18.41 27.28
C ARG A 184 -10.67 19.38 26.13
N ALA A 185 -10.35 18.87 24.95
CA ALA A 185 -9.90 19.72 23.88
C ALA A 185 -10.04 18.99 22.54
N LYS A 186 -9.81 19.74 21.47
CA LYS A 186 -9.82 19.18 20.12
C LYS A 186 -8.78 19.90 19.29
N THR A 187 -7.97 19.14 18.57
CA THR A 187 -6.98 19.68 17.66
C THR A 187 -7.61 19.97 16.30
N GLY A 188 -6.94 20.82 15.54
CA GLY A 188 -7.34 21.10 14.18
C GLY A 188 -6.12 21.35 13.32
N TYR A 189 -6.24 21.03 12.03
CA TYR A 189 -5.15 21.19 11.07
C TYR A 189 -5.77 21.60 9.74
N SER A 190 -5.62 22.87 9.38
CA SER A 190 -6.21 23.44 8.16
C SER A 190 -5.14 23.66 7.11
N THR A 191 -5.27 22.96 5.98
CA THR A 191 -4.27 23.03 4.92
C THR A 191 -4.81 23.43 3.56
N ARG A 192 -6.12 23.39 3.35
CA ARG A 192 -6.66 23.56 1.99
C ARG A 192 -6.74 25.03 1.57
N ILE A 193 -6.70 25.96 2.51
CA ILE A 193 -6.72 27.39 2.19
C ILE A 193 -5.68 28.08 3.05
N GLU A 194 -4.97 29.05 2.46
CA GLU A 194 -3.93 29.76 3.17
C GLU A 194 -4.55 30.77 4.15
N PRO A 195 -3.90 31.02 5.30
CA PRO A 195 -2.65 30.37 5.73
C PRO A 195 -2.90 29.01 6.37
N LYS A 196 -2.01 28.05 6.14
CA LYS A 196 -2.12 26.77 6.81
C LYS A 196 -1.88 26.96 8.30
N ILE A 197 -2.78 26.43 9.13
CA ILE A 197 -2.71 26.63 10.57
C ILE A 197 -3.05 25.34 11.30
N GLY A 198 -2.59 25.27 12.54
CA GLY A 198 -3.01 24.26 13.49
C GLY A 198 -3.83 24.91 14.58
N TRP A 199 -4.80 24.17 15.11
CA TRP A 199 -5.66 24.61 16.20
C TRP A 199 -5.43 23.73 17.42
N TRP A 200 -5.65 24.29 18.61
CA TRP A 200 -5.96 23.51 19.80
C TRP A 200 -6.90 24.34 20.65
N VAL A 201 -8.10 23.82 20.91
CA VAL A 201 -9.12 24.53 21.66
C VAL A 201 -9.72 23.58 22.68
N GLY A 202 -10.07 24.12 23.83
CA GLY A 202 -10.64 23.31 24.90
C GLY A 202 -10.59 24.06 26.23
N TRP A 203 -10.42 23.29 27.31
CA TRP A 203 -10.30 23.91 28.62
C TRP A 203 -9.56 22.98 29.57
N VAL A 204 -9.08 23.58 30.66
CA VAL A 204 -8.37 22.88 31.72
C VAL A 204 -9.24 22.96 32.97
N GLU A 205 -9.65 21.79 33.47
CA GLU A 205 -10.44 21.72 34.70
C GLU A 205 -9.51 21.60 35.89
N LEU A 206 -9.64 22.51 36.84
CA LEU A 206 -8.95 22.45 38.12
C LEU A 206 -9.96 22.18 39.22
N ASP A 207 -9.43 21.97 40.44
CA ASP A 207 -10.31 21.69 41.57
C ASP A 207 -11.38 22.78 41.75
N ASP A 208 -11.00 24.06 41.59
CA ASP A 208 -11.93 25.15 41.90
C ASP A 208 -11.89 26.25 40.84
N ASN A 209 -11.54 25.92 39.60
CA ASN A 209 -11.61 26.87 38.51
C ASN A 209 -11.51 26.13 37.19
N VAL A 210 -11.87 26.81 36.12
CA VAL A 210 -11.74 26.29 34.77
C VAL A 210 -11.11 27.36 33.90
N TRP A 211 -10.07 27.00 33.16
CA TRP A 211 -9.39 27.88 32.20
C TRP A 211 -9.69 27.38 30.80
N PHE A 212 -10.44 28.18 30.03
CA PHE A 212 -10.65 27.90 28.62
C PHE A 212 -9.48 28.42 27.80
N PHE A 213 -9.17 27.71 26.73
CA PHE A 213 -8.06 28.11 25.86
C PHE A 213 -8.43 27.86 24.40
N ALA A 214 -7.86 28.68 23.53
CA ALA A 214 -7.97 28.51 22.09
C ALA A 214 -6.70 29.07 21.48
N MET A 215 -5.99 28.26 20.72
CA MET A 215 -4.75 28.67 20.08
C MET A 215 -4.78 28.25 18.62
N ASN A 216 -4.17 29.09 17.78
CA ASN A 216 -3.83 28.66 16.43
C ASN A 216 -2.46 29.22 16.09
N MET A 217 -1.80 28.56 15.14
CA MET A 217 -0.44 28.90 14.77
C MET A 217 -0.21 28.51 13.32
N ASP A 218 0.69 29.25 12.67
CA ASP A 218 1.08 28.90 11.32
C ASP A 218 1.71 27.52 11.30
N MET A 219 1.33 26.73 10.30
CA MET A 219 1.73 25.33 10.20
C MET A 219 2.11 25.04 8.75
N PRO A 220 3.28 25.52 8.32
CA PRO A 220 3.68 25.30 6.92
C PRO A 220 3.84 23.83 6.56
N THR A 221 4.25 22.99 7.52
CA THR A 221 4.33 21.55 7.30
C THR A 221 3.78 20.84 8.53
N SER A 222 3.47 19.55 8.34
CA SER A 222 2.93 18.76 9.45
C SER A 222 3.98 18.46 10.51
N ASP A 223 5.25 18.77 10.26
CA ASP A 223 6.30 18.45 11.23
C ASP A 223 6.10 19.18 12.55
N GLY A 224 5.44 20.35 12.52
CA GLY A 224 5.28 21.16 13.70
C GLY A 224 3.96 20.96 14.44
N LEU A 225 3.21 19.91 14.13
CA LEU A 225 1.89 19.76 14.72
C LEU A 225 1.94 19.62 16.23
N GLY A 226 2.97 18.94 16.74
CA GLY A 226 3.12 18.79 18.17
C GLY A 226 3.27 20.10 18.92
N LEU A 227 3.61 21.18 18.21
CA LEU A 227 3.76 22.48 18.85
C LEU A 227 2.44 23.07 19.31
N ARG A 228 1.31 22.63 18.72
CA ARG A 228 0.02 23.12 19.16
C ARG A 228 -0.17 22.89 20.66
N GLN A 229 0.05 21.66 21.11
CA GLN A 229 -0.09 21.36 22.54
C GLN A 229 1.10 21.84 23.34
N ALA A 230 2.31 21.72 22.77
CA ALA A 230 3.51 22.09 23.51
C ALA A 230 3.53 23.57 23.84
N ILE A 231 3.20 24.41 22.87
CA ILE A 231 3.19 25.85 23.12
C ILE A 231 2.11 26.23 24.11
N THR A 232 0.91 25.65 23.96
CA THR A 232 -0.18 25.94 24.87
C THR A 232 0.20 25.58 26.31
N LYS A 233 0.78 24.41 26.50
CA LYS A 233 1.11 23.98 27.87
C LYS A 233 2.20 24.84 28.47
N GLU A 234 3.15 25.32 27.66
CA GLU A 234 4.16 26.24 28.16
C GLU A 234 3.51 27.52 28.70
N VAL A 235 2.50 28.03 27.99
CA VAL A 235 1.78 29.21 28.49
C VAL A 235 1.04 28.87 29.78
N LEU A 236 0.38 27.72 29.80
CA LEU A 236 -0.32 27.30 31.02
C LEU A 236 0.66 27.15 32.18
N LYS A 237 1.84 26.58 31.92
CA LYS A 237 2.85 26.47 32.97
C LYS A 237 3.33 27.83 33.41
N GLN A 238 3.62 28.72 32.46
CA GLN A 238 4.08 30.06 32.81
C GLN A 238 3.07 30.78 33.71
N GLU A 239 1.79 30.68 33.37
CA GLU A 239 0.75 31.32 34.17
C GLU A 239 0.39 30.49 35.40
N LYS A 240 1.15 29.43 35.67
CA LYS A 240 1.00 28.62 36.87
C LYS A 240 -0.36 27.97 36.95
N ILE A 241 -0.98 27.74 35.80
CA ILE A 241 -2.26 27.04 35.74
C ILE A 241 -2.06 25.55 35.90
N ILE A 242 -1.01 25.01 35.31
CA ILE A 242 -0.64 23.61 35.49
C ILE A 242 0.80 23.58 36.00
N PRO A 243 1.20 22.50 36.69
CA PRO A 243 2.59 22.39 37.16
C PRO A 243 3.58 22.21 36.01
N GLU B 2 -4.05 -4.89 -30.97
CA GLU B 2 -3.48 -5.96 -30.15
C GLU B 2 -2.60 -5.33 -29.05
N TRP B 3 -2.05 -6.16 -28.16
CA TRP B 3 -1.22 -5.64 -27.08
C TRP B 3 0.01 -6.52 -26.90
N GLN B 4 1.08 -5.90 -26.39
CA GLN B 4 2.36 -6.56 -26.22
C GLN B 4 3.01 -6.05 -24.94
N GLU B 5 3.39 -6.97 -24.07
CA GLU B 5 4.01 -6.61 -22.80
C GLU B 5 5.53 -6.61 -22.96
N ASN B 6 6.16 -5.51 -22.57
CA ASN B 6 7.61 -5.32 -22.69
C ASN B 6 8.13 -4.99 -21.29
N LYS B 7 8.51 -6.04 -20.55
CA LYS B 7 8.97 -5.83 -19.18
C LYS B 7 10.32 -5.15 -19.11
N SER B 8 11.04 -4.99 -20.23
CA SER B 8 12.31 -4.28 -20.19
C SER B 8 12.11 -2.84 -19.74
N TRP B 9 10.93 -2.27 -20.00
CA TRP B 9 10.65 -0.91 -19.53
C TRP B 9 10.57 -0.82 -18.01
N ASN B 10 10.32 -1.94 -17.32
CA ASN B 10 10.29 -1.89 -15.86
C ASN B 10 11.57 -1.29 -15.30
N ALA B 11 12.68 -1.43 -16.03
CA ALA B 11 13.95 -0.87 -15.59
C ALA B 11 13.85 0.64 -15.41
N HIS B 12 13.09 1.31 -16.28
CA HIS B 12 12.97 2.77 -16.17
C HIS B 12 12.26 3.19 -14.88
N PHE B 13 11.41 2.33 -14.34
CA PHE B 13 10.81 2.62 -13.03
C PHE B 13 11.75 2.20 -11.90
N THR B 14 12.37 1.02 -12.02
CA THR B 14 13.26 0.54 -10.98
C THR B 14 14.42 1.49 -10.75
N GLU B 15 15.10 1.90 -11.83
CA GLU B 15 16.21 2.83 -11.71
C GLU B 15 15.86 4.00 -10.80
N HIS B 16 14.61 4.47 -10.88
CA HIS B 16 14.16 5.61 -10.08
C HIS B 16 13.43 5.16 -8.82
N LYS B 17 13.59 3.89 -8.44
CA LYS B 17 12.99 3.40 -7.20
C LYS B 17 11.50 3.67 -7.19
N SER B 18 10.87 3.48 -8.34
CA SER B 18 9.47 3.79 -8.57
C SER B 18 8.74 2.55 -9.08
N GLN B 19 7.42 2.62 -9.03
CA GLN B 19 6.55 1.61 -9.62
C GLN B 19 5.49 2.32 -10.45
N GLY B 20 5.22 1.80 -11.63
CA GLY B 20 4.21 2.41 -12.48
C GLY B 20 4.03 1.62 -13.76
N VAL B 21 3.28 2.21 -14.68
CA VAL B 21 3.02 1.62 -15.98
C VAL B 21 3.13 2.70 -17.04
N VAL B 22 3.71 2.34 -18.17
CA VAL B 22 3.64 3.13 -19.39
C VAL B 22 2.90 2.32 -20.44
N VAL B 23 1.96 2.96 -21.12
CA VAL B 23 1.22 2.35 -22.21
C VAL B 23 1.45 3.21 -23.45
N LEU B 24 1.92 2.58 -24.53
CA LEU B 24 2.12 3.24 -25.81
C LEU B 24 1.19 2.64 -26.85
N TRP B 25 0.74 3.47 -27.77
CA TRP B 25 -0.10 3.03 -28.88
C TRP B 25 0.43 3.61 -30.18
N ASN B 26 0.83 2.73 -31.09
CA ASN B 26 1.29 3.10 -32.43
C ASN B 26 0.07 3.22 -33.34
N GLU B 27 -0.25 4.45 -33.73
CA GLU B 27 -1.50 4.68 -34.47
C GLU B 27 -1.44 4.05 -35.86
N ASN B 28 -0.30 4.19 -36.56
CA ASN B 28 -0.20 3.62 -37.90
C ASN B 28 -0.36 2.10 -37.87
N LYS B 29 0.29 1.44 -36.90
CA LYS B 29 0.27 -0.01 -36.82
C LYS B 29 -0.90 -0.55 -36.00
N GLN B 30 -1.63 0.32 -35.30
CA GLN B 30 -2.72 -0.11 -34.44
C GLN B 30 -2.25 -1.20 -33.48
N GLN B 31 -1.12 -0.91 -32.82
CA GLN B 31 -0.51 -1.84 -31.87
C GLN B 31 -0.19 -1.10 -30.58
N GLY B 32 -0.43 -1.77 -29.46
CA GLY B 32 -0.14 -1.21 -28.15
C GLY B 32 0.99 -1.92 -27.45
N PHE B 33 1.66 -1.23 -26.52
CA PHE B 33 2.79 -1.76 -25.80
C PHE B 33 2.76 -1.25 -24.37
N THR B 34 3.12 -2.11 -23.42
CA THR B 34 3.14 -1.71 -22.02
C THR B 34 4.14 -2.58 -21.27
N ASN B 35 4.59 -2.08 -20.12
CA ASN B 35 5.43 -2.85 -19.22
C ASN B 35 4.65 -3.72 -18.26
N ASN B 36 3.34 -3.49 -18.11
CA ASN B 36 2.57 -4.13 -17.05
C ASN B 36 1.09 -4.14 -17.49
N LEU B 37 0.68 -5.25 -18.10
CA LEU B 37 -0.69 -5.36 -18.60
C LEU B 37 -1.71 -5.20 -17.49
N LYS B 38 -1.42 -5.73 -16.30
CA LYS B 38 -2.40 -5.64 -15.22
C LYS B 38 -2.60 -4.20 -14.79
N ARG B 39 -1.51 -3.50 -14.45
CA ARG B 39 -1.65 -2.12 -14.01
C ARG B 39 -2.15 -1.23 -15.15
N ALA B 40 -1.86 -1.58 -16.40
CA ALA B 40 -2.38 -0.81 -17.53
C ALA B 40 -3.90 -0.74 -17.50
N ASN B 41 -4.55 -1.76 -16.95
CA ASN B 41 -6.01 -1.83 -16.88
C ASN B 41 -6.55 -1.56 -15.49
N GLN B 42 -5.70 -1.19 -14.54
CA GLN B 42 -6.16 -0.80 -13.22
C GLN B 42 -6.59 0.65 -13.23
N ALA B 43 -7.75 0.92 -12.61
CA ALA B 43 -8.40 2.23 -12.68
C ALA B 43 -8.05 3.08 -11.48
N PHE B 44 -7.67 4.34 -11.74
CA PHE B 44 -7.28 5.29 -10.72
C PHE B 44 -8.11 6.56 -10.87
N LEU B 45 -8.07 7.41 -9.86
CA LEU B 45 -8.59 8.76 -9.99
C LEU B 45 -7.86 9.47 -11.13
N PRO B 46 -8.58 10.18 -12.02
CA PRO B 46 -7.88 10.90 -13.09
C PRO B 46 -7.17 12.15 -12.61
N ALA B 47 -7.61 12.73 -11.49
CA ALA B 47 -7.06 13.99 -10.97
C ALA B 47 -7.01 14.98 -12.13
N SER B 48 -5.92 15.72 -12.33
CA SER B 48 -5.91 16.82 -13.29
C SER B 48 -5.92 16.36 -14.75
N THR B 49 -5.75 15.06 -15.04
CA THR B 49 -5.99 14.63 -16.42
C THR B 49 -7.45 14.83 -16.81
N PHE B 50 -8.34 14.96 -15.83
CA PHE B 50 -9.75 15.20 -16.11
C PHE B 50 -10.00 16.58 -16.68
N KCX B 51 -8.99 17.46 -16.63
CA KCX B 51 -9.14 18.79 -17.20
CB KCX B 51 -7.94 19.66 -16.83
CG KCX B 51 -7.91 20.03 -15.35
CD KCX B 51 -6.83 21.03 -15.03
CE KCX B 51 -6.97 21.54 -13.60
NZ KCX B 51 -6.77 20.45 -12.60
C KCX B 51 -9.32 18.71 -18.72
O KCX B 51 -9.80 19.67 -19.33
CX KCX B 51 -7.79 19.89 -11.95
OQ1 KCX B 51 -8.95 20.29 -12.12
OQ2 KCX B 51 -7.57 18.98 -11.13
H KCX B 51 -8.23 17.31 -16.26
HA KCX B 51 -9.94 19.20 -16.83
HB2 KCX B 51 -7.99 20.49 -17.35
HG2 KCX B 51 -7.75 19.22 -14.84
HD2 KCX B 51 -6.91 21.78 -15.62
HE2 KCX B 51 -6.29 22.22 -13.43
N ILE B 52 -8.95 17.59 -19.33
CA ILE B 52 -9.18 17.42 -20.77
C ILE B 52 -10.69 17.31 -21.03
N PRO B 53 -11.34 16.27 -20.50
CA PRO B 53 -12.80 16.20 -20.71
C PRO B 53 -13.56 17.38 -20.13
N ASN B 54 -13.12 17.89 -18.97
CA ASN B 54 -13.77 19.04 -18.37
C ASN B 54 -13.71 20.25 -19.30
N SER B 55 -12.55 20.48 -19.94
CA SER B 55 -12.43 21.58 -20.89
C SER B 55 -13.36 21.38 -22.09
N LEU B 56 -13.42 20.16 -22.61
CA LEU B 56 -14.28 19.87 -23.75
C LEU B 56 -15.73 20.19 -23.44
N ILE B 57 -16.20 19.75 -22.27
CA ILE B 57 -17.60 19.93 -21.92
C ILE B 57 -17.90 21.41 -21.71
N ALA B 58 -17.03 22.11 -20.98
CA ALA B 58 -17.24 23.53 -20.74
C ALA B 58 -17.32 24.30 -22.04
N LEU B 59 -16.46 23.97 -23.01
CA LEU B 59 -16.46 24.66 -24.29
C LEU B 59 -17.71 24.35 -25.10
N ASP B 60 -18.11 23.07 -25.15
CA ASP B 60 -19.26 22.72 -25.98
C ASP B 60 -20.56 23.28 -25.44
N LEU B 61 -20.65 23.50 -24.14
CA LEU B 61 -21.85 24.05 -23.53
C LEU B 61 -21.84 25.57 -23.43
N GLY B 62 -20.76 26.22 -23.83
CA GLY B 62 -20.68 27.66 -23.75
C GLY B 62 -20.30 28.20 -22.39
N VAL B 63 -19.98 27.34 -21.43
CA VAL B 63 -19.45 27.82 -20.15
C VAL B 63 -18.15 28.56 -20.37
N VAL B 64 -17.33 28.08 -21.30
CA VAL B 64 -16.13 28.78 -21.74
C VAL B 64 -16.35 29.23 -23.17
N LYS B 65 -16.20 30.54 -23.40
CA LYS B 65 -16.46 31.09 -24.73
C LYS B 65 -15.37 30.67 -25.71
N ASP B 66 -14.12 30.86 -25.33
CA ASP B 66 -12.98 30.46 -26.15
C ASP B 66 -11.75 30.46 -25.27
N GLU B 67 -10.60 30.19 -25.88
CA GLU B 67 -9.36 30.05 -25.12
C GLU B 67 -8.80 31.38 -24.65
N HIS B 68 -9.43 32.49 -25.01
CA HIS B 68 -9.00 33.81 -24.57
C HIS B 68 -9.80 34.35 -23.40
N GLN B 69 -10.99 33.81 -23.15
CA GLN B 69 -11.81 34.28 -22.04
C GLN B 69 -11.03 34.22 -20.74
N VAL B 70 -11.06 35.32 -19.99
CA VAL B 70 -10.30 35.45 -18.76
C VAL B 70 -11.17 34.98 -17.61
N PHE B 71 -10.62 34.10 -16.78
CA PHE B 71 -11.27 33.65 -15.56
C PHE B 71 -10.55 34.33 -14.40
N LYS B 72 -11.23 35.30 -13.79
CA LYS B 72 -10.60 36.14 -12.80
C LYS B 72 -10.31 35.36 -11.53
N TRP B 73 -9.13 35.59 -10.96
CA TRP B 73 -8.80 35.04 -9.65
C TRP B 73 -9.82 35.50 -8.62
N ASP B 74 -10.30 34.57 -7.78
CA ASP B 74 -11.30 34.90 -6.78
C ASP B 74 -10.71 35.60 -5.56
N GLY B 75 -9.44 35.98 -5.60
CA GLY B 75 -8.84 36.71 -4.50
C GLY B 75 -8.51 35.88 -3.28
N GLN B 76 -8.70 34.57 -3.33
CA GLN B 76 -8.36 33.69 -2.21
C GLN B 76 -6.95 33.15 -2.43
N THR B 77 -6.04 33.47 -1.51
CA THR B 77 -4.66 33.05 -1.64
C THR B 77 -4.54 31.56 -1.40
N ARG B 78 -3.96 30.85 -2.36
CA ARG B 78 -3.71 29.41 -2.26
C ARG B 78 -2.20 29.16 -2.31
N ASP B 79 -1.82 27.94 -1.93
CA ASP B 79 -0.41 27.62 -1.73
C ASP B 79 0.37 27.51 -3.02
N ILE B 80 -0.29 27.55 -4.18
CA ILE B 80 0.37 27.46 -5.47
C ILE B 80 0.32 28.86 -6.08
N ALA B 81 1.48 29.50 -6.16
CA ALA B 81 1.53 30.92 -6.53
C ALA B 81 0.89 31.17 -7.89
N THR B 82 1.17 30.30 -8.86
CA THR B 82 0.62 30.52 -10.20
C THR B 82 -0.91 30.44 -10.23
N TRP B 83 -1.53 29.88 -9.18
CA TRP B 83 -2.99 29.86 -9.10
C TRP B 83 -3.57 31.20 -8.66
N ASN B 84 -2.77 32.06 -8.04
CA ASN B 84 -3.27 33.33 -7.48
C ASN B 84 -3.17 34.44 -8.53
N ARG B 85 -3.86 34.24 -9.65
CA ARG B 85 -3.84 35.21 -10.74
C ARG B 85 -4.94 34.85 -11.72
N ASP B 86 -5.20 35.77 -12.65
CA ASP B 86 -6.17 35.50 -13.71
C ASP B 86 -5.64 34.44 -14.66
N HIS B 87 -6.57 33.70 -15.28
CA HIS B 87 -6.20 32.65 -16.21
C HIS B 87 -7.18 32.63 -17.36
N ASN B 88 -6.70 32.11 -18.49
CA ASN B 88 -7.55 31.65 -19.58
C ASN B 88 -7.42 30.14 -19.67
N LEU B 89 -8.08 29.56 -20.67
CA LEU B 89 -8.07 28.11 -20.79
C LEU B 89 -6.64 27.58 -20.97
N ILE B 90 -5.83 28.30 -21.76
CA ILE B 90 -4.47 27.84 -22.03
C ILE B 90 -3.66 27.79 -20.74
N THR B 91 -3.64 28.90 -19.99
CA THR B 91 -2.82 28.96 -18.78
C THR B 91 -3.41 28.12 -17.65
N ALA B 92 -4.74 28.01 -17.57
CA ALA B 92 -5.36 27.18 -16.56
C ALA B 92 -4.95 25.72 -16.74
N MET B 93 -4.87 25.27 -18.00
CA MET B 93 -4.38 23.92 -18.28
C MET B 93 -2.90 23.81 -17.96
N LYS B 94 -2.12 24.78 -18.42
CA LYS B 94 -0.66 24.74 -18.23
C LYS B 94 -0.29 24.61 -16.77
N TYR B 95 -0.95 25.37 -15.90
CA TYR B 95 -0.63 25.37 -14.48
C TYR B 95 -1.60 24.53 -13.66
N SER B 96 -2.45 23.74 -14.34
CA SER B 96 -3.35 22.80 -13.68
C SER B 96 -4.11 23.48 -12.54
N VAL B 97 -4.80 24.56 -12.89
CA VAL B 97 -5.43 25.44 -11.92
C VAL B 97 -6.78 24.85 -11.49
N VAL B 98 -6.74 24.05 -10.42
CA VAL B 98 -7.95 23.39 -9.95
C VAL B 98 -9.12 24.37 -9.74
N PRO B 99 -8.97 25.48 -9.02
CA PRO B 99 -10.15 26.30 -8.72
C PRO B 99 -10.86 26.82 -9.96
N VAL B 100 -10.15 27.05 -11.06
CA VAL B 100 -10.82 27.46 -12.29
C VAL B 100 -11.72 26.35 -12.80
N TYR B 101 -11.21 25.11 -12.78
CA TYR B 101 -11.99 23.98 -13.30
C TYR B 101 -13.08 23.56 -12.32
N GLN B 102 -12.92 23.84 -11.04
CA GLN B 102 -14.03 23.61 -10.10
C GLN B 102 -15.20 24.52 -10.44
N GLU B 103 -14.92 25.77 -10.83
CA GLU B 103 -15.99 26.66 -11.27
C GLU B 103 -16.63 26.17 -12.57
N PHE B 104 -15.81 25.69 -13.52
CA PHE B 104 -16.36 25.06 -14.71
C PHE B 104 -17.38 23.99 -14.33
N ALA B 105 -16.99 23.08 -13.45
CA ALA B 105 -17.84 21.95 -13.11
C ALA B 105 -19.14 22.39 -12.47
N ARG B 106 -19.07 23.40 -11.60
CA ARG B 106 -20.29 23.91 -10.97
C ARG B 106 -21.24 24.50 -11.99
N GLN B 107 -20.71 25.19 -13.01
CA GLN B 107 -21.58 25.75 -14.04
C GLN B 107 -22.08 24.67 -14.99
N ILE B 108 -21.27 23.65 -15.25
CA ILE B 108 -21.75 22.52 -16.06
C ILE B 108 -22.89 21.82 -15.35
N GLY B 109 -22.69 21.48 -14.08
CA GLY B 109 -23.72 20.82 -13.29
C GLY B 109 -23.65 19.30 -13.40
N GLU B 110 -24.26 18.64 -12.40
CA GLU B 110 -24.18 17.19 -12.31
C GLU B 110 -24.78 16.53 -13.55
N ALA B 111 -26.00 16.95 -13.94
CA ALA B 111 -26.71 16.27 -15.00
C ALA B 111 -25.93 16.31 -16.31
N ARG B 112 -25.49 17.49 -16.73
CA ARG B 112 -24.78 17.61 -17.99
C ARG B 112 -23.41 16.96 -17.93
N MET B 113 -22.74 17.04 -16.78
CA MET B 113 -21.44 16.37 -16.62
C MET B 113 -21.61 14.86 -16.78
N SER B 114 -22.62 14.30 -16.13
CA SER B 114 -22.86 12.86 -16.23
C SER B 114 -23.17 12.46 -17.66
N LYS B 115 -24.03 13.23 -18.35
CA LYS B 115 -24.38 12.91 -19.72
C LYS B 115 -23.14 12.82 -20.60
N MET B 116 -22.25 13.80 -20.46
CA MET B 116 -21.13 13.90 -21.39
C MET B 116 -20.09 12.80 -21.17
N LEU B 117 -19.83 12.45 -19.91
CA LEU B 117 -18.86 11.40 -19.65
C LEU B 117 -19.38 10.05 -20.14
N HIS B 118 -20.69 9.82 -20.09
CA HIS B 118 -21.25 8.64 -20.73
C HIS B 118 -21.08 8.73 -22.24
N ALA B 119 -21.35 9.90 -22.82
CA ALA B 119 -21.16 10.08 -24.26
C ALA B 119 -19.70 9.89 -24.66
N PHE B 120 -18.78 10.31 -23.79
CA PHE B 120 -17.36 10.13 -24.04
C PHE B 120 -16.88 8.71 -23.77
N ASP B 121 -17.69 7.86 -23.14
CA ASP B 121 -17.24 6.54 -22.71
C ASP B 121 -16.02 6.65 -21.80
N TYR B 122 -16.02 7.68 -20.95
CA TYR B 122 -14.83 8.08 -20.20
C TYR B 122 -14.75 7.28 -18.90
N GLY B 123 -13.78 6.38 -18.81
CA GLY B 123 -13.54 5.65 -17.58
C GLY B 123 -14.77 4.87 -17.16
N ASN B 124 -15.04 4.88 -15.85
CA ASN B 124 -16.24 4.24 -15.33
C ASN B 124 -17.45 5.15 -15.40
N GLU B 125 -17.31 6.36 -15.96
CA GLU B 125 -18.43 7.25 -16.25
C GLU B 125 -19.23 7.61 -14.99
N ASP B 126 -18.59 7.53 -13.83
CA ASP B 126 -19.25 7.73 -12.54
C ASP B 126 -18.75 9.03 -11.91
N ILE B 127 -19.66 9.98 -11.72
CA ILE B 127 -19.31 11.27 -11.13
C ILE B 127 -19.72 11.34 -9.65
N SER B 128 -19.92 10.19 -9.02
CA SER B 128 -20.31 10.19 -7.60
C SER B 128 -19.36 11.04 -6.78
N GLY B 129 -19.94 11.81 -5.87
CA GLY B 129 -19.18 12.75 -5.06
C GLY B 129 -19.66 14.17 -5.28
N ASN B 130 -18.85 15.14 -4.87
CA ASN B 130 -19.16 16.55 -5.08
C ASN B 130 -18.87 16.94 -6.54
N VAL B 131 -19.79 17.71 -7.13
CA VAL B 131 -19.66 18.07 -8.53
C VAL B 131 -18.37 18.84 -8.80
N ASP B 132 -17.83 19.54 -7.81
CA ASP B 132 -16.64 20.35 -8.02
C ASP B 132 -15.37 19.67 -7.50
N SER B 133 -15.40 18.37 -7.22
CA SER B 133 -14.19 17.69 -6.78
C SER B 133 -14.18 16.19 -7.03
N PHE B 134 -15.17 15.67 -7.77
CA PHE B 134 -15.29 14.21 -7.88
C PHE B 134 -14.08 13.60 -8.58
N TRP B 135 -13.42 14.35 -9.46
CA TRP B 135 -12.21 13.84 -10.11
C TRP B 135 -11.00 13.84 -9.20
N LEU B 136 -11.11 14.42 -8.01
CA LEU B 136 -10.05 14.43 -7.02
C LEU B 136 -10.32 13.51 -5.83
N ASP B 137 -11.60 13.34 -5.45
CA ASP B 137 -11.91 12.48 -4.31
C ASP B 137 -13.29 11.84 -4.43
N GLY B 138 -13.84 11.71 -5.63
CA GLY B 138 -15.12 11.09 -5.85
C GLY B 138 -14.98 9.69 -6.41
N GLY B 139 -15.99 9.25 -7.15
CA GLY B 139 -16.08 7.89 -7.61
C GLY B 139 -15.55 7.63 -9.00
N ILE B 140 -15.12 8.65 -9.73
CA ILE B 140 -14.70 8.45 -11.11
C ILE B 140 -13.33 7.78 -11.12
N ARG B 141 -13.15 6.84 -12.04
CA ARG B 141 -11.92 6.08 -12.18
C ARG B 141 -11.66 5.85 -13.66
N ILE B 142 -10.38 5.80 -14.03
CA ILE B 142 -9.98 5.55 -15.41
C ILE B 142 -8.62 4.85 -15.39
N SER B 143 -8.44 3.92 -16.32
CA SER B 143 -7.19 3.21 -16.48
C SER B 143 -6.34 3.87 -17.57
N ALA B 144 -5.06 3.46 -17.61
CA ALA B 144 -4.17 3.98 -18.63
C ALA B 144 -4.66 3.61 -20.03
N THR B 145 -5.12 2.36 -20.21
CA THR B 145 -5.64 1.96 -21.52
C THR B 145 -6.90 2.73 -21.87
N GLU B 146 -7.73 3.06 -20.87
CA GLU B 146 -8.93 3.85 -21.12
C GLU B 146 -8.58 5.29 -21.47
N GLN B 147 -7.50 5.83 -20.88
CA GLN B 147 -7.04 7.15 -21.28
C GLN B 147 -6.68 7.17 -22.76
N ILE B 148 -6.00 6.14 -23.25
CA ILE B 148 -5.59 6.11 -24.65
C ILE B 148 -6.80 6.04 -25.56
N SER B 149 -7.78 5.19 -25.25
CA SER B 149 -8.98 5.12 -26.07
C SER B 149 -9.65 6.48 -26.17
N PHE B 150 -9.72 7.19 -25.05
CA PHE B 150 -10.31 8.53 -25.04
C PHE B 150 -9.46 9.51 -25.87
N LEU B 151 -8.14 9.48 -25.68
CA LEU B 151 -7.27 10.40 -26.40
C LEU B 151 -7.31 10.16 -27.90
N ARG B 152 -7.39 8.89 -28.32
CA ARG B 152 -7.46 8.60 -29.74
C ARG B 152 -8.71 9.21 -30.37
N LYS B 153 -9.84 9.14 -29.65
CA LYS B 153 -11.06 9.77 -30.15
C LYS B 153 -10.89 11.27 -30.26
N LEU B 154 -10.28 11.89 -29.24
CA LEU B 154 -10.02 13.33 -29.29
C LEU B 154 -9.15 13.70 -30.48
N TYR B 155 -8.05 12.95 -30.68
CA TYR B 155 -7.15 13.24 -31.79
C TYR B 155 -7.90 13.25 -33.12
N HIS B 156 -8.79 12.29 -33.32
CA HIS B 156 -9.52 12.15 -34.58
C HIS B 156 -10.81 12.95 -34.63
N ASN B 157 -11.06 13.81 -33.62
CA ASN B 157 -12.27 14.62 -33.57
C ASN B 157 -13.53 13.76 -33.56
N LYS B 158 -13.46 12.58 -32.93
CA LYS B 158 -14.57 11.64 -32.92
C LYS B 158 -15.37 11.68 -31.62
N LEU B 159 -15.01 12.54 -30.68
CA LEU B 159 -15.81 12.70 -29.48
C LEU B 159 -17.12 13.43 -29.81
N HIS B 160 -18.13 13.19 -28.98
CA HIS B 160 -19.46 13.75 -29.24
C HIS B 160 -19.55 15.19 -28.74
N VAL B 161 -18.60 16.02 -29.18
CA VAL B 161 -18.68 17.46 -29.07
C VAL B 161 -18.25 18.04 -30.40
N SER B 162 -18.39 19.36 -30.54
CA SER B 162 -18.06 19.99 -31.82
C SER B 162 -16.59 19.81 -32.15
N GLU B 163 -16.28 19.86 -33.44
CA GLU B 163 -14.87 19.86 -33.87
C GLU B 163 -14.13 21.04 -33.25
N ARG B 164 -14.77 22.20 -33.19
CA ARG B 164 -14.15 23.39 -32.62
C ARG B 164 -13.72 23.15 -31.18
N SER B 165 -14.61 22.57 -30.37
CA SER B 165 -14.26 22.29 -28.98
C SER B 165 -13.04 21.39 -28.90
N GLN B 166 -12.97 20.37 -29.75
CA GLN B 166 -11.85 19.43 -29.70
C GLN B 166 -10.56 20.09 -30.19
N ARG B 167 -10.65 20.93 -31.22
CA ARG B 167 -9.46 21.66 -31.68
C ARG B 167 -8.93 22.59 -30.60
N ILE B 168 -9.81 23.29 -29.90
CA ILE B 168 -9.38 24.22 -28.87
C ILE B 168 -8.68 23.48 -27.74
N VAL B 169 -9.25 22.36 -27.30
CA VAL B 169 -8.65 21.61 -26.20
C VAL B 169 -7.29 21.06 -26.61
N LYS B 170 -7.18 20.55 -27.85
CA LYS B 170 -5.89 20.04 -28.30
C LYS B 170 -4.85 21.15 -28.38
N GLN B 171 -5.27 22.37 -28.71
CA GLN B 171 -4.37 23.51 -28.60
C GLN B 171 -3.91 23.70 -27.16
N ALA B 172 -4.85 23.69 -26.22
CA ALA B 172 -4.52 23.90 -24.83
C ALA B 172 -3.66 22.78 -24.26
N MET B 173 -3.66 21.61 -24.88
CA MET B 173 -2.82 20.50 -24.43
C MET B 173 -1.37 20.66 -24.88
N LEU B 174 -1.07 21.62 -25.74
CA LEU B 174 0.29 21.77 -26.25
C LEU B 174 1.28 21.90 -25.11
N THR B 175 2.26 21.01 -25.09
CA THR B 175 3.25 20.95 -24.03
C THR B 175 4.66 21.23 -24.54
N GLU B 176 5.01 20.69 -25.70
CA GLU B 176 6.36 20.82 -26.22
C GLU B 176 6.31 20.69 -27.74
N ALA B 177 7.15 21.48 -28.42
CA ALA B 177 7.23 21.41 -29.87
C ALA B 177 8.63 21.83 -30.28
N ASN B 178 9.21 21.06 -31.20
CA ASN B 178 10.51 21.38 -31.78
C ASN B 178 10.53 20.82 -33.20
N GLY B 179 11.70 20.84 -33.83
CA GLY B 179 11.82 20.34 -35.18
C GLY B 179 11.58 18.86 -35.33
N ASP B 180 11.55 18.10 -34.23
CA ASP B 180 11.45 16.65 -34.30
C ASP B 180 10.09 16.10 -33.90
N TYR B 181 9.35 16.77 -33.03
CA TYR B 181 8.09 16.21 -32.57
C TYR B 181 7.28 17.29 -31.87
N ILE B 182 5.99 17.00 -31.69
CA ILE B 182 5.07 17.82 -30.91
C ILE B 182 4.42 16.93 -29.87
N ILE B 183 4.41 17.37 -28.62
CA ILE B 183 3.73 16.65 -27.55
C ILE B 183 2.53 17.48 -27.11
N ARG B 184 1.36 16.85 -27.14
CA ARG B 184 0.15 17.37 -26.51
C ARG B 184 -0.22 16.40 -25.40
N ALA B 185 -0.33 16.92 -24.17
CA ALA B 185 -0.45 16.04 -23.02
C ALA B 185 -1.02 16.82 -21.84
N LYS B 186 -1.33 16.09 -20.77
CA LYS B 186 -1.80 16.68 -19.53
C LYS B 186 -1.29 15.84 -18.37
N THR B 187 -0.74 16.51 -17.37
CA THR B 187 -0.29 15.85 -16.15
C THR B 187 -1.44 15.69 -15.16
N GLY B 188 -1.24 14.77 -14.23
CA GLY B 188 -2.18 14.58 -13.14
C GLY B 188 -1.46 14.18 -11.87
N TYR B 189 -2.02 14.56 -10.73
CA TYR B 189 -1.43 14.27 -9.42
C TYR B 189 -2.57 13.99 -8.45
N SER B 190 -2.74 12.72 -8.08
CA SER B 190 -3.83 12.27 -7.22
C SER B 190 -3.28 11.97 -5.82
N THR B 191 -3.78 12.71 -4.82
CA THR B 191 -3.29 12.57 -3.46
C THR B 191 -4.36 12.27 -2.43
N ARG B 192 -5.64 12.46 -2.74
CA ARG B 192 -6.68 12.38 -1.72
C ARG B 192 -7.09 10.95 -1.40
N ILE B 193 -6.81 9.99 -2.28
CA ILE B 193 -7.15 8.59 -2.04
C ILE B 193 -5.96 7.74 -2.44
N GLU B 194 -5.67 6.72 -1.64
CA GLU B 194 -4.53 5.87 -1.91
C GLU B 194 -4.84 4.92 -3.08
N PRO B 195 -3.83 4.55 -3.87
CA PRO B 195 -2.44 5.01 -3.76
C PRO B 195 -2.22 6.37 -4.42
N LYS B 196 -1.37 7.20 -3.83
CA LYS B 196 -1.03 8.48 -4.46
C LYS B 196 -0.26 8.21 -5.74
N ILE B 197 -0.69 8.83 -6.84
CA ILE B 197 -0.09 8.56 -8.15
C ILE B 197 0.07 9.86 -8.93
N GLY B 198 0.99 9.82 -9.89
CA GLY B 198 1.11 10.85 -10.89
C GLY B 198 0.70 10.29 -12.24
N TRP B 199 0.11 11.14 -13.07
CA TRP B 199 -0.29 10.79 -14.43
C TRP B 199 0.51 11.62 -15.44
N TRP B 200 0.70 11.06 -16.62
CA TRP B 200 0.99 11.85 -17.82
C TRP B 200 0.36 11.13 -18.99
N VAL B 201 -0.55 11.80 -19.68
CA VAL B 201 -1.27 11.21 -20.81
C VAL B 201 -1.29 12.20 -21.96
N GLY B 202 -1.23 11.69 -23.18
CA GLY B 202 -1.23 12.54 -24.35
C GLY B 202 -0.74 11.77 -25.57
N TRP B 203 -0.06 12.48 -26.47
CA TRP B 203 0.50 11.83 -27.64
C TRP B 203 1.67 12.63 -28.18
N VAL B 204 2.47 11.96 -28.99
CA VAL B 204 3.63 12.54 -29.66
C VAL B 204 3.34 12.54 -31.16
N GLU B 205 3.31 13.73 -31.76
CA GLU B 205 3.09 13.87 -33.19
C GLU B 205 4.43 13.85 -33.91
N LEU B 206 4.57 12.94 -34.87
CA LEU B 206 5.72 12.88 -35.75
C LEU B 206 5.26 13.25 -37.16
N ASP B 207 6.24 13.37 -38.07
CA ASP B 207 5.92 13.73 -39.45
C ASP B 207 4.88 12.80 -40.07
N ASP B 208 5.01 11.48 -39.82
CA ASP B 208 4.15 10.51 -40.50
C ASP B 208 3.63 9.44 -39.55
N ASN B 209 3.49 9.75 -38.26
CA ASN B 209 2.89 8.81 -37.33
C ASN B 209 2.54 9.57 -36.06
N VAL B 210 1.71 8.95 -35.23
CA VAL B 210 1.34 9.48 -33.93
C VAL B 210 1.47 8.35 -32.90
N TRP B 211 2.15 8.63 -31.80
CA TRP B 211 2.29 7.69 -30.68
C TRP B 211 1.50 8.25 -29.50
N PHE B 212 0.42 7.57 -29.14
CA PHE B 212 -0.32 7.91 -27.93
C PHE B 212 0.36 7.26 -26.72
N PHE B 213 0.31 7.95 -25.58
CA PHE B 213 0.91 7.42 -24.37
C PHE B 213 0.04 7.75 -23.17
N ALA B 214 0.10 6.88 -22.17
CA ALA B 214 -0.56 7.09 -20.89
C ALA B 214 0.28 6.37 -19.85
N MET B 215 0.72 7.11 -18.85
CA MET B 215 1.53 6.55 -17.77
C MET B 215 0.97 6.99 -16.44
N ASN B 216 1.08 6.11 -15.44
CA ASN B 216 0.91 6.53 -14.06
C ASN B 216 1.95 5.80 -13.21
N MET B 217 2.24 6.39 -12.06
CA MET B 217 3.28 5.88 -11.19
C MET B 217 2.96 6.27 -9.76
N ASP B 218 3.39 5.43 -8.82
CA ASP B 218 3.26 5.78 -7.41
C ASP B 218 4.02 7.06 -7.12
N MET B 219 3.40 7.92 -6.32
CA MET B 219 3.93 9.26 -6.04
C MET B 219 3.77 9.54 -4.55
N PRO B 220 4.61 8.92 -3.72
CA PRO B 220 4.47 9.12 -2.26
C PRO B 220 4.66 10.56 -1.83
N THR B 221 5.51 11.32 -2.52
CA THR B 221 5.68 12.74 -2.25
C THR B 221 5.75 13.49 -3.57
N SER B 222 5.57 14.80 -3.47
CA SER B 222 5.63 15.66 -4.66
C SER B 222 7.04 15.78 -5.21
N ASP B 223 8.06 15.30 -4.49
CA ASP B 223 9.43 15.43 -4.95
C ASP B 223 9.66 14.69 -6.27
N GLY B 224 8.90 13.64 -6.53
CA GLY B 224 9.08 12.81 -7.70
C GLY B 224 8.23 13.18 -8.90
N LEU B 225 7.58 14.35 -8.88
CA LEU B 225 6.62 14.67 -9.94
C LEU B 225 7.29 14.75 -11.29
N GLY B 226 8.52 15.26 -11.35
CA GLY B 226 9.24 15.36 -12.61
C GLY B 226 9.47 14.02 -13.29
N LEU B 227 9.37 12.91 -12.53
CA LEU B 227 9.58 11.59 -13.12
C LEU B 227 8.46 11.20 -14.07
N ARG B 228 7.28 11.80 -13.95
CA ARG B 228 6.19 11.51 -14.87
C ARG B 228 6.65 11.72 -16.31
N GLN B 229 7.20 12.89 -16.61
CA GLN B 229 7.68 13.17 -17.96
C GLN B 229 9.02 12.50 -18.23
N ALA B 230 9.91 12.47 -17.24
CA ALA B 230 11.25 11.93 -17.47
C ALA B 230 11.19 10.44 -17.79
N ILE B 231 10.40 9.67 -17.04
CA ILE B 231 10.30 8.24 -17.30
C ILE B 231 9.65 7.98 -18.65
N THR B 232 8.58 8.71 -18.96
CA THR B 232 7.93 8.53 -20.25
C THR B 232 8.91 8.82 -21.39
N LYS B 233 9.67 9.90 -21.29
CA LYS B 233 10.61 10.24 -22.35
C LYS B 233 11.75 9.22 -22.44
N GLU B 234 12.13 8.62 -21.30
CA GLU B 234 13.11 7.55 -21.32
C GLU B 234 12.62 6.40 -22.18
N VAL B 235 11.34 6.04 -22.04
CA VAL B 235 10.75 4.98 -22.86
C VAL B 235 10.68 5.40 -24.32
N LEU B 236 10.23 6.63 -24.58
CA LEU B 236 10.14 7.11 -25.96
C LEU B 236 11.50 7.10 -26.63
N LYS B 237 12.55 7.51 -25.91
CA LYS B 237 13.90 7.47 -26.47
C LYS B 237 14.35 6.04 -26.74
N GLN B 238 14.13 5.14 -25.78
CA GLN B 238 14.53 3.75 -25.97
C GLN B 238 13.90 3.18 -27.23
N GLU B 239 12.62 3.45 -27.46
CA GLU B 239 11.92 2.95 -28.62
C GLU B 239 12.17 3.79 -29.87
N LYS B 240 13.10 4.74 -29.82
CA LYS B 240 13.47 5.53 -31.00
C LYS B 240 12.29 6.35 -31.53
N ILE B 241 11.34 6.67 -30.65
CA ILE B 241 10.22 7.53 -31.05
C ILE B 241 10.66 8.99 -31.06
N ILE B 242 11.47 9.39 -30.10
CA ILE B 242 12.05 10.73 -30.07
C ILE B 242 13.57 10.57 -29.97
N PRO B 243 14.33 11.60 -30.37
CA PRO B 243 15.80 11.54 -30.26
C PRO B 243 16.26 11.51 -28.80
N GLU C 2 -6.23 -11.21 -27.08
CA GLU C 2 -7.07 -10.15 -27.61
C GLU C 2 -8.36 -10.15 -26.79
N TRP C 3 -9.25 -9.19 -27.05
CA TRP C 3 -10.53 -9.13 -26.35
C TRP C 3 -11.65 -8.80 -27.33
N GLN C 4 -12.85 -9.28 -27.02
CA GLN C 4 -14.00 -9.11 -27.89
C GLN C 4 -15.24 -8.96 -27.03
N GLU C 5 -15.99 -7.88 -27.23
CA GLU C 5 -17.19 -7.61 -26.46
C GLU C 5 -18.41 -8.16 -27.18
N ASN C 6 -19.21 -8.96 -26.48
CA ASN C 6 -20.41 -9.60 -27.03
C ASN C 6 -21.58 -9.19 -26.15
N LYS C 7 -22.24 -8.09 -26.53
CA LYS C 7 -23.34 -7.54 -25.74
C LYS C 7 -24.58 -8.42 -25.75
N SER C 8 -24.66 -9.44 -26.62
CA SER C 8 -25.82 -10.31 -26.62
C SER C 8 -25.97 -11.06 -25.31
N TRP C 9 -24.87 -11.29 -24.59
CA TRP C 9 -24.96 -11.96 -23.30
C TRP C 9 -25.72 -11.12 -22.27
N ASN C 10 -25.81 -9.81 -22.48
CA ASN C 10 -26.56 -8.95 -21.57
C ASN C 10 -27.99 -9.45 -21.40
N ALA C 11 -28.54 -10.12 -22.42
CA ALA C 11 -29.90 -10.65 -22.31
C ALA C 11 -29.99 -11.63 -21.15
N HIS C 12 -28.95 -12.44 -20.92
CA HIS C 12 -28.98 -13.41 -19.83
C HIS C 12 -29.04 -12.71 -18.48
N PHE C 13 -28.52 -11.49 -18.38
CA PHE C 13 -28.67 -10.70 -17.17
C PHE C 13 -30.02 -9.99 -17.16
N THR C 14 -30.42 -9.41 -18.29
CA THR C 14 -31.69 -8.69 -18.35
C THR C 14 -32.86 -9.60 -18.00
N GLU C 15 -32.90 -10.79 -18.60
CA GLU C 15 -33.96 -11.76 -18.35
C GLU C 15 -34.25 -11.89 -16.86
N HIS C 16 -33.19 -11.82 -16.03
CA HIS C 16 -33.32 -12.00 -14.60
C HIS C 16 -33.27 -10.67 -13.84
N LYS C 17 -33.50 -9.54 -14.51
CA LYS C 17 -33.50 -8.24 -13.83
C LYS C 17 -32.20 -8.03 -13.06
N SER C 18 -31.08 -8.41 -13.69
CA SER C 18 -29.79 -8.37 -13.05
C SER C 18 -28.81 -7.54 -13.87
N GLN C 19 -27.71 -7.17 -13.23
CA GLN C 19 -26.59 -6.51 -13.88
C GLN C 19 -25.32 -7.21 -13.44
N GLY C 20 -24.43 -7.45 -14.38
CA GLY C 20 -23.17 -8.10 -14.06
C GLY C 20 -22.31 -8.23 -15.30
N VAL C 21 -21.24 -8.99 -15.15
CA VAL C 21 -20.32 -9.25 -16.24
C VAL C 21 -19.94 -10.72 -16.21
N VAL C 22 -19.82 -11.31 -17.38
CA VAL C 22 -19.19 -12.61 -17.57
C VAL C 22 -17.95 -12.39 -18.42
N VAL C 23 -16.83 -12.96 -17.99
CA VAL C 23 -15.58 -12.91 -18.73
C VAL C 23 -15.15 -14.34 -19.01
N LEU C 24 -14.93 -14.65 -20.29
CA LEU C 24 -14.44 -15.95 -20.71
C LEU C 24 -13.06 -15.80 -21.34
N TRP C 25 -12.23 -16.81 -21.15
CA TRP C 25 -10.89 -16.84 -21.73
C TRP C 25 -10.66 -18.21 -22.37
N ASN C 26 -10.43 -18.20 -23.69
CA ASN C 26 -10.11 -19.41 -24.44
C ASN C 26 -8.60 -19.63 -24.34
N GLU C 27 -8.18 -20.67 -23.61
CA GLU C 27 -6.76 -20.86 -23.36
C GLU C 27 -6.02 -21.24 -24.63
N ASN C 28 -6.60 -22.12 -25.46
CA ASN C 28 -5.93 -22.52 -26.70
C ASN C 28 -5.71 -21.33 -27.61
N LYS C 29 -6.72 -20.49 -27.78
CA LYS C 29 -6.65 -19.37 -28.70
C LYS C 29 -6.11 -18.10 -28.07
N GLN C 30 -5.95 -18.07 -26.74
CA GLN C 30 -5.49 -16.87 -26.04
C GLN C 30 -6.36 -15.67 -26.41
N GLN C 31 -7.68 -15.85 -26.31
CA GLN C 31 -8.66 -14.83 -26.65
C GLN C 31 -9.67 -14.71 -25.53
N GLY C 32 -10.06 -13.48 -25.22
CA GLY C 32 -11.04 -13.22 -24.17
C GLY C 32 -12.34 -12.69 -24.73
N PHE C 33 -13.41 -12.90 -23.99
CA PHE C 33 -14.76 -12.51 -24.40
C PHE C 33 -15.52 -12.03 -23.18
N THR C 34 -16.29 -10.96 -23.34
CA THR C 34 -17.10 -10.45 -22.24
C THR C 34 -18.26 -9.65 -22.80
N ASN C 35 -19.29 -9.49 -21.97
CA ASN C 35 -20.42 -8.63 -22.31
C ASN C 35 -20.16 -7.17 -21.96
N ASN C 36 -19.13 -6.89 -21.17
CA ASN C 36 -18.94 -5.54 -20.63
C ASN C 36 -17.45 -5.40 -20.32
N LEU C 37 -16.70 -4.84 -21.29
CA LEU C 37 -15.26 -4.69 -21.11
C LEU C 37 -14.92 -3.84 -19.89
N LYS C 38 -15.72 -2.80 -19.63
CA LYS C 38 -15.42 -1.92 -18.50
C LYS C 38 -15.60 -2.64 -17.17
N ARG C 39 -16.77 -3.26 -16.95
CA ARG C 39 -16.98 -3.96 -15.69
C ARG C 39 -16.05 -5.17 -15.57
N ALA C 40 -15.64 -5.75 -16.69
CA ALA C 40 -14.67 -6.84 -16.64
C ALA C 40 -13.40 -6.43 -15.93
N ASN C 41 -13.06 -5.14 -15.98
CA ASN C 41 -11.86 -4.62 -15.33
C ASN C 41 -12.15 -3.84 -14.05
N GLN C 42 -13.41 -3.84 -13.60
CA GLN C 42 -13.74 -3.17 -12.35
C GLN C 42 -13.39 -4.08 -11.17
N ALA C 43 -12.70 -3.52 -10.18
CA ALA C 43 -12.16 -4.31 -9.09
C ALA C 43 -13.11 -4.26 -7.90
N PHE C 44 -13.43 -5.44 -7.36
CA PHE C 44 -14.33 -5.58 -6.23
C PHE C 44 -13.65 -6.36 -5.13
N LEU C 45 -14.26 -6.33 -3.95
CA LEU C 45 -13.86 -7.25 -2.90
C LEU C 45 -14.00 -8.68 -3.41
N PRO C 46 -13.01 -9.56 -3.20
CA PRO C 46 -13.14 -10.93 -3.69
C PRO C 46 -14.09 -11.77 -2.86
N ALA C 47 -14.35 -11.39 -1.61
CA ALA C 47 -15.17 -12.18 -0.68
C ALA C 47 -14.67 -13.62 -0.71
N SER C 48 -15.55 -14.63 -0.78
CA SER C 48 -15.12 -16.01 -0.60
C SER C 48 -14.33 -16.56 -1.77
N THR C 49 -14.21 -15.85 -2.90
CA THR C 49 -13.28 -16.30 -3.92
C THR C 49 -11.84 -16.24 -3.41
N PHE C 50 -11.60 -15.47 -2.35
CA PHE C 50 -10.27 -15.38 -1.75
C PHE C 50 -9.88 -16.69 -1.05
N KCX C 51 -10.83 -17.59 -0.87
CA KCX C 51 -10.52 -18.87 -0.24
CB KCX C 51 -11.79 -19.67 0.02
CG KCX C 51 -12.63 -19.08 1.14
CD KCX C 51 -13.81 -19.95 1.54
CE KCX C 51 -14.45 -19.41 2.81
NZ KCX C 51 -15.05 -18.05 2.60
C KCX C 51 -9.53 -19.67 -1.10
O KCX C 51 -8.85 -20.56 -0.58
CX KCX C 51 -14.43 -16.95 3.04
OQ1 KCX C 51 -14.95 -15.85 2.85
OQ2 KCX C 51 -13.35 -17.03 3.65
H KCX C 51 -11.65 -17.49 -1.09
HA KCX C 51 -10.08 -18.71 0.62
HB2 KCX C 51 -11.55 -20.58 0.28
HG2 KCX C 51 -12.07 -18.94 1.93
HD2 KCX C 51 -13.49 -20.85 1.72
HE2 KCX C 51 -13.78 -19.34 3.50
N ILE C 52 -9.43 -19.36 -2.38
CA ILE C 52 -8.47 -20.03 -3.25
C ILE C 52 -7.04 -19.67 -2.84
N PRO C 53 -6.67 -18.38 -2.94
CA PRO C 53 -5.30 -18.01 -2.50
C PRO C 53 -5.07 -18.29 -1.03
N ASN C 54 -6.10 -18.09 -0.20
CA ASN C 54 -5.96 -18.38 1.23
C ASN C 54 -5.62 -19.85 1.46
N SER C 55 -6.27 -20.74 0.71
CA SER C 55 -5.97 -22.17 0.81
C SER C 55 -4.54 -22.46 0.37
N LEU C 56 -4.12 -21.86 -0.74
CA LEU C 56 -2.76 -22.09 -1.24
C LEU C 56 -1.72 -21.70 -0.19
N ILE C 57 -1.90 -20.53 0.43
CA ILE C 57 -0.93 -20.04 1.39
C ILE C 57 -0.93 -20.92 2.65
N ALA C 58 -2.12 -21.23 3.16
CA ALA C 58 -2.22 -22.08 4.35
C ALA C 58 -1.53 -23.42 4.12
N LEU C 59 -1.73 -24.01 2.94
CA LEU C 59 -1.11 -25.29 2.64
C LEU C 59 0.41 -25.18 2.53
N ASP C 60 0.88 -24.14 1.83
CA ASP C 60 2.32 -24.02 1.59
C ASP C 60 3.08 -23.72 2.88
N LEU C 61 2.44 -23.07 3.85
CA LEU C 61 3.10 -22.74 5.11
C LEU C 61 2.91 -23.81 6.17
N GLY C 62 2.15 -24.87 5.88
CA GLY C 62 1.91 -25.91 6.86
C GLY C 62 0.80 -25.60 7.83
N VAL C 63 0.08 -24.50 7.66
CA VAL C 63 -1.09 -24.22 8.49
C VAL C 63 -2.13 -25.32 8.29
N VAL C 64 -2.28 -25.80 7.06
CA VAL C 64 -3.10 -26.96 6.74
C VAL C 64 -2.16 -28.08 6.31
N LYS C 65 -2.24 -29.22 7.00
CA LYS C 65 -1.35 -30.33 6.71
C LYS C 65 -1.73 -31.00 5.38
N ASP C 66 -3.00 -31.29 5.19
CA ASP C 66 -3.48 -31.88 3.94
C ASP C 66 -4.99 -31.70 3.89
N GLU C 67 -5.60 -32.24 2.84
CA GLU C 67 -7.02 -32.03 2.62
C GLU C 67 -7.89 -32.88 3.54
N HIS C 68 -7.30 -33.74 4.37
CA HIS C 68 -8.05 -34.55 5.32
C HIS C 68 -8.02 -33.98 6.74
N GLN C 69 -7.08 -33.08 7.05
CA GLN C 69 -7.00 -32.51 8.39
C GLN C 69 -8.33 -31.90 8.79
N VAL C 70 -8.79 -32.25 9.99
CA VAL C 70 -10.08 -31.83 10.49
C VAL C 70 -9.93 -30.53 11.28
N PHE C 71 -10.76 -29.54 10.97
CA PHE C 71 -10.83 -28.29 11.71
C PHE C 71 -12.11 -28.29 12.53
N LYS C 72 -11.97 -28.42 13.84
CA LYS C 72 -13.12 -28.61 14.71
C LYS C 72 -13.98 -27.36 14.80
N TRP C 73 -15.29 -27.57 14.79
CA TRP C 73 -16.23 -26.49 15.05
C TRP C 73 -15.93 -25.85 16.41
N ASP C 74 -15.89 -24.53 16.44
CA ASP C 74 -15.57 -23.80 17.67
C ASP C 74 -16.75 -23.73 18.63
N GLY C 75 -17.84 -24.44 18.35
CA GLY C 75 -18.99 -24.48 19.23
C GLY C 75 -19.85 -23.23 19.21
N GLN C 76 -19.54 -22.26 18.36
CA GLN C 76 -20.34 -21.04 18.26
C GLN C 76 -21.37 -21.21 17.15
N THR C 77 -22.64 -21.16 17.52
CA THR C 77 -23.71 -21.35 16.54
C THR C 77 -23.82 -20.12 15.66
N ARG C 78 -23.72 -20.32 14.35
CA ARG C 78 -23.81 -19.24 13.37
C ARG C 78 -25.02 -19.48 12.47
N ASP C 79 -25.38 -18.45 11.71
CA ASP C 79 -26.64 -18.47 10.97
C ASP C 79 -26.64 -19.43 9.79
N ILE C 80 -25.48 -20.00 9.43
CA ILE C 80 -25.40 -20.96 8.34
C ILE C 80 -25.13 -22.32 8.95
N ALA C 81 -26.13 -23.20 8.88
CA ALA C 81 -26.08 -24.47 9.61
C ALA C 81 -24.86 -25.31 9.22
N THR C 82 -24.53 -25.34 7.93
CA THR C 82 -23.40 -26.16 7.48
C THR C 82 -22.08 -25.70 8.07
N TRP C 83 -22.02 -24.47 8.60
CA TRP C 83 -20.82 -24.00 9.28
C TRP C 83 -20.68 -24.58 10.68
N ASN C 84 -21.78 -25.06 11.26
CA ASN C 84 -21.78 -25.52 12.65
C ASN C 84 -21.47 -27.01 12.74
N ARG C 85 -20.29 -27.37 12.24
CA ARG C 85 -19.84 -28.76 12.24
C ARG C 85 -18.34 -28.77 11.94
N ASP C 86 -17.73 -29.94 12.13
CA ASP C 86 -16.34 -30.11 11.77
C ASP C 86 -16.19 -30.05 10.25
N HIS C 87 -15.02 -29.61 9.81
CA HIS C 87 -14.73 -29.49 8.39
C HIS C 87 -13.28 -29.85 8.10
N ASN C 88 -13.03 -30.28 6.87
CA ASN C 88 -11.70 -30.33 6.29
C ASN C 88 -11.63 -29.32 5.15
N LEU C 89 -10.48 -29.29 4.47
CA LEU C 89 -10.29 -28.31 3.40
C LEU C 89 -11.33 -28.46 2.31
N ILE C 90 -11.68 -29.70 1.95
CA ILE C 90 -12.64 -29.92 0.88
C ILE C 90 -14.01 -29.36 1.28
N THR C 91 -14.50 -29.75 2.46
CA THR C 91 -15.83 -29.33 2.88
C THR C 91 -15.86 -27.86 3.25
N ALA C 92 -14.75 -27.32 3.79
CA ALA C 92 -14.71 -25.90 4.10
C ALA C 92 -14.84 -25.05 2.86
N MET C 93 -14.22 -25.48 1.76
CA MET C 93 -14.39 -24.78 0.48
C MET C 93 -15.80 -24.98 -0.05
N LYS C 94 -16.29 -26.22 -0.01
CA LYS C 94 -17.61 -26.53 -0.56
C LYS C 94 -18.69 -25.65 0.06
N TYR C 95 -18.66 -25.49 1.38
CA TYR C 95 -19.67 -24.71 2.09
C TYR C 95 -19.18 -23.30 2.43
N SER C 96 -18.04 -22.89 1.89
CA SER C 96 -17.53 -21.53 2.04
C SER C 96 -17.55 -21.11 3.52
N VAL C 97 -16.86 -21.92 4.34
CA VAL C 97 -16.92 -21.77 5.79
C VAL C 97 -15.97 -20.66 6.23
N VAL C 98 -16.50 -19.44 6.32
CA VAL C 98 -15.69 -18.28 6.69
C VAL C 98 -14.88 -18.52 7.96
N PRO C 99 -15.46 -18.96 9.09
CA PRO C 99 -14.69 -19.02 10.33
C PRO C 99 -13.48 -19.93 10.25
N VAL C 100 -13.51 -20.97 9.43
CA VAL C 100 -12.33 -21.82 9.26
C VAL C 100 -11.21 -21.04 8.59
N TYR C 101 -11.53 -20.29 7.54
CA TYR C 101 -10.52 -19.54 6.82
C TYR C 101 -10.05 -18.32 7.58
N GLN C 102 -10.89 -17.78 8.48
CA GLN C 102 -10.43 -16.71 9.37
C GLN C 102 -9.36 -17.24 10.31
N GLU C 103 -9.51 -18.47 10.78
CA GLU C 103 -8.46 -19.08 11.59
C GLU C 103 -7.19 -19.31 10.77
N PHE C 104 -7.32 -19.76 9.53
CA PHE C 104 -6.17 -19.84 8.63
C PHE C 104 -5.43 -18.52 8.58
N ALA C 105 -6.15 -17.42 8.32
CA ALA C 105 -5.51 -16.13 8.11
C ALA C 105 -4.76 -15.68 9.35
N ARG C 106 -5.34 -15.90 10.54
CA ARG C 106 -4.66 -15.49 11.76
C ARG C 106 -3.35 -16.25 11.95
N GLN C 107 -3.34 -17.53 11.58
CA GLN C 107 -2.12 -18.31 11.70
C GLN C 107 -1.10 -17.94 10.63
N ILE C 108 -1.58 -17.58 9.44
CA ILE C 108 -0.69 -17.08 8.40
C ILE C 108 -0.04 -15.77 8.84
N GLY C 109 -0.84 -14.83 9.31
CA GLY C 109 -0.33 -13.56 9.79
C GLY C 109 -0.26 -12.51 8.71
N GLU C 110 -0.24 -11.25 9.15
CA GLU C 110 -0.26 -10.11 8.23
C GLU C 110 0.93 -10.15 7.28
N ALA C 111 2.14 -10.32 7.83
CA ALA C 111 3.35 -10.21 7.02
C ALA C 111 3.37 -11.25 5.91
N ARG C 112 3.17 -12.53 6.26
CA ARG C 112 3.24 -13.58 5.25
C ARG C 112 2.09 -13.50 4.26
N MET C 113 0.90 -13.09 4.72
CA MET C 113 -0.21 -12.90 3.80
C MET C 113 0.11 -11.85 2.75
N SER C 114 0.65 -10.71 3.20
CA SER C 114 0.98 -9.64 2.27
C SER C 114 2.04 -10.08 1.26
N LYS C 115 3.10 -10.75 1.74
CA LYS C 115 4.15 -11.21 0.85
C LYS C 115 3.61 -12.15 -0.22
N MET C 116 2.72 -13.07 0.16
CA MET C 116 2.26 -14.08 -0.77
C MET C 116 1.35 -13.49 -1.84
N LEU C 117 0.48 -12.55 -1.46
CA LEU C 117 -0.37 -11.92 -2.46
C LEU C 117 0.42 -11.09 -3.45
N HIS C 118 1.52 -10.47 -3.00
CA HIS C 118 2.42 -9.83 -3.94
C HIS C 118 3.05 -10.85 -4.87
N ALA C 119 3.50 -11.98 -4.32
CA ALA C 119 4.06 -13.03 -5.16
C ALA C 119 3.04 -13.56 -6.15
N PHE C 120 1.76 -13.63 -5.75
CA PHE C 120 0.70 -14.08 -6.64
C PHE C 120 0.28 -13.01 -7.64
N ASP C 121 0.74 -11.77 -7.49
CA ASP C 121 0.28 -10.67 -8.34
C ASP C 121 -1.23 -10.51 -8.24
N TYR C 122 -1.77 -10.72 -7.04
CA TYR C 122 -3.20 -10.88 -6.82
C TYR C 122 -3.87 -9.53 -6.62
N GLY C 123 -4.66 -9.10 -7.59
CA GLY C 123 -5.45 -7.89 -7.44
C GLY C 123 -4.57 -6.69 -7.14
N ASN C 124 -5.05 -5.83 -6.24
CA ASN C 124 -4.28 -4.68 -5.80
C ASN C 124 -3.32 -5.02 -4.67
N GLU C 125 -3.26 -6.28 -4.25
CA GLU C 125 -2.27 -6.77 -3.29
C GLU C 125 -2.34 -6.03 -1.96
N ASP C 126 -3.49 -5.47 -1.62
CA ASP C 126 -3.66 -4.63 -0.42
C ASP C 126 -4.50 -5.39 0.59
N ILE C 127 -3.90 -5.74 1.73
CA ILE C 127 -4.59 -6.48 2.78
C ILE C 127 -5.01 -5.58 3.93
N SER C 128 -5.08 -4.26 3.71
CA SER C 128 -5.48 -3.34 4.77
C SER C 128 -6.79 -3.79 5.41
N GLY C 129 -6.85 -3.70 6.73
CA GLY C 129 -8.00 -4.17 7.48
C GLY C 129 -7.62 -5.27 8.45
N ASN C 130 -8.60 -6.02 8.94
CA ASN C 130 -8.29 -7.14 9.83
C ASN C 130 -7.69 -8.28 9.02
N VAL C 131 -6.63 -8.89 9.58
CA VAL C 131 -5.96 -9.97 8.87
C VAL C 131 -6.93 -11.10 8.57
N ASP C 132 -7.97 -11.24 9.39
CA ASP C 132 -8.94 -12.32 9.26
C ASP C 132 -10.27 -11.86 8.64
N SER C 133 -10.31 -10.69 8.00
CA SER C 133 -11.53 -10.27 7.31
C SER C 133 -11.30 -9.28 6.17
N PHE C 134 -10.05 -9.02 5.81
CA PHE C 134 -9.80 -7.97 4.82
C PHE C 134 -10.42 -8.32 3.47
N TRP C 135 -10.55 -9.61 3.16
CA TRP C 135 -11.17 -10.00 1.89
C TRP C 135 -12.69 -9.86 1.91
N LEU C 136 -13.28 -9.57 3.07
CA LEU C 136 -14.71 -9.34 3.19
C LEU C 136 -15.09 -7.88 3.43
N ASP C 137 -14.22 -7.12 4.11
CA ASP C 137 -14.54 -5.72 4.38
C ASP C 137 -13.27 -4.87 4.49
N GLY C 138 -12.16 -5.30 3.91
CA GLY C 138 -10.92 -4.56 3.93
C GLY C 138 -10.63 -3.88 2.61
N GLY C 139 -9.35 -3.70 2.31
CA GLY C 139 -8.91 -2.91 1.17
C GLY C 139 -8.56 -3.69 -0.06
N ILE C 140 -8.62 -5.02 -0.04
CA ILE C 140 -8.20 -5.80 -1.20
C ILE C 140 -9.27 -5.72 -2.26
N ARG C 141 -8.84 -5.61 -3.53
CA ARG C 141 -9.75 -5.49 -4.65
C ARG C 141 -9.19 -6.28 -5.82
N ILE C 142 -10.07 -6.89 -6.59
CA ILE C 142 -9.66 -7.68 -7.75
C ILE C 142 -10.77 -7.63 -8.78
N SER C 143 -10.40 -7.56 -10.05
CA SER C 143 -11.35 -7.55 -11.15
C SER C 143 -11.52 -8.96 -11.71
N ALA C 144 -12.54 -9.11 -12.57
CA ALA C 144 -12.78 -10.41 -13.20
C ALA C 144 -11.59 -10.83 -14.06
N THR C 145 -11.03 -9.91 -14.84
CA THR C 145 -9.87 -10.25 -15.67
C THR C 145 -8.66 -10.60 -14.81
N GLU C 146 -8.52 -9.94 -13.65
CA GLU C 146 -7.42 -10.27 -12.75
C GLU C 146 -7.64 -11.63 -12.08
N GLN C 147 -8.90 -12.00 -11.82
CA GLN C 147 -9.18 -13.34 -11.34
C GLN C 147 -8.73 -14.38 -12.35
N ILE C 148 -9.01 -14.14 -13.64
CA ILE C 148 -8.64 -15.11 -14.68
C ILE C 148 -7.12 -15.22 -14.77
N SER C 149 -6.41 -14.09 -14.74
CA SER C 149 -4.95 -14.13 -14.78
C SER C 149 -4.41 -14.98 -13.65
N PHE C 150 -4.97 -14.81 -12.45
CA PHE C 150 -4.54 -15.60 -11.30
C PHE C 150 -4.88 -17.07 -11.49
N LEU C 151 -6.09 -17.37 -11.96
CA LEU C 151 -6.50 -18.76 -12.14
C LEU C 151 -5.64 -19.46 -13.19
N ARG C 152 -5.25 -18.75 -14.24
CA ARG C 152 -4.43 -19.36 -15.27
C ARG C 152 -3.09 -19.83 -14.70
N LYS C 153 -2.48 -19.03 -13.81
CA LYS C 153 -1.24 -19.46 -13.18
C LYS C 153 -1.48 -20.70 -12.32
N LEU C 154 -2.56 -20.73 -11.55
CA LEU C 154 -2.89 -21.89 -10.73
C LEU C 154 -3.06 -23.13 -11.60
N TYR C 155 -3.83 -23.01 -12.70
CA TYR C 155 -4.05 -24.15 -13.57
C TYR C 155 -2.73 -24.73 -14.06
N HIS C 156 -1.77 -23.88 -14.40
CA HIS C 156 -0.49 -24.34 -14.93
C HIS C 156 0.55 -24.59 -13.84
N ASN C 157 0.15 -24.55 -12.57
CA ASN C 157 1.07 -24.75 -11.46
C ASN C 157 2.21 -23.72 -11.46
N LYS C 158 1.92 -22.51 -11.91
CA LYS C 158 2.93 -21.48 -12.04
C LYS C 158 2.93 -20.47 -10.91
N LEU C 159 2.07 -20.62 -9.90
CA LEU C 159 2.14 -19.76 -8.74
C LEU C 159 3.37 -20.11 -7.90
N HIS C 160 3.84 -19.12 -7.14
CA HIS C 160 5.07 -19.28 -6.38
C HIS C 160 4.77 -19.99 -5.05
N VAL C 161 4.12 -21.15 -5.15
CA VAL C 161 4.01 -22.12 -4.06
C VAL C 161 4.27 -23.49 -4.64
N SER C 162 4.33 -24.50 -3.77
CA SER C 162 4.65 -25.84 -4.22
C SER C 162 3.59 -26.36 -5.19
N GLU C 163 4.02 -27.28 -6.07
CA GLU C 163 3.05 -27.96 -6.93
C GLU C 163 2.01 -28.70 -6.12
N ARG C 164 2.43 -29.33 -5.02
CA ARG C 164 1.48 -30.07 -4.18
C ARG C 164 0.38 -29.14 -3.67
N SER C 165 0.76 -27.96 -3.16
CA SER C 165 -0.26 -27.04 -2.67
C SER C 165 -1.26 -26.69 -3.75
N GLN C 166 -0.78 -26.47 -4.98
CA GLN C 166 -1.68 -26.08 -6.06
C GLN C 166 -2.57 -27.24 -6.47
N ARG C 167 -2.03 -28.47 -6.51
CA ARG C 167 -2.86 -29.62 -6.83
C ARG C 167 -3.96 -29.81 -5.80
N ILE C 168 -3.64 -29.63 -4.52
CA ILE C 168 -4.65 -29.84 -3.47
C ILE C 168 -5.77 -28.82 -3.60
N VAL C 169 -5.42 -27.55 -3.84
CA VAL C 169 -6.45 -26.52 -3.95
C VAL C 169 -7.33 -26.79 -5.16
N LYS C 170 -6.73 -27.18 -6.28
CA LYS C 170 -7.53 -27.47 -7.47
C LYS C 170 -8.45 -28.66 -7.23
N GLN C 171 -8.01 -29.64 -6.43
CA GLN C 171 -8.92 -30.70 -6.01
C GLN C 171 -10.10 -30.14 -5.22
N ALA C 172 -9.80 -29.28 -4.24
CA ALA C 172 -10.85 -28.69 -3.40
C ALA C 172 -11.77 -27.77 -4.19
N MET C 173 -11.33 -27.25 -5.33
CA MET C 173 -12.16 -26.41 -6.17
C MET C 173 -13.15 -27.22 -7.01
N LEU C 174 -13.02 -28.55 -7.04
CA LEU C 174 -13.90 -29.36 -7.87
C LEU C 174 -15.35 -29.09 -7.52
N THR C 175 -16.13 -28.71 -8.52
CA THR C 175 -17.53 -28.34 -8.35
C THR C 175 -18.48 -29.26 -9.09
N GLU C 176 -18.14 -29.66 -10.31
CA GLU C 176 -19.02 -30.48 -11.13
C GLU C 176 -18.18 -31.22 -12.15
N ALA C 177 -18.55 -32.47 -12.42
CA ALA C 177 -17.87 -33.26 -13.43
C ALA C 177 -18.83 -34.29 -14.00
N ASN C 178 -18.81 -34.42 -15.32
CA ASN C 178 -19.59 -35.41 -16.03
C ASN C 178 -18.82 -35.81 -17.28
N GLY C 179 -19.46 -36.58 -18.16
CA GLY C 179 -18.78 -37.05 -19.35
C GLY C 179 -18.41 -35.96 -20.33
N ASP C 180 -18.94 -34.75 -20.14
CA ASP C 180 -18.72 -33.66 -21.09
C ASP C 180 -17.77 -32.58 -20.60
N TYR C 181 -17.67 -32.36 -19.29
CA TYR C 181 -16.81 -31.27 -18.82
C TYR C 181 -16.57 -31.43 -17.32
N ILE C 182 -15.53 -30.73 -16.85
CA ILE C 182 -15.21 -30.60 -15.43
C ILE C 182 -15.15 -29.12 -15.12
N ILE C 183 -15.81 -28.71 -14.04
CA ILE C 183 -15.76 -27.34 -13.56
C ILE C 183 -15.03 -27.33 -12.22
N ARG C 184 -13.96 -26.55 -12.13
CA ARG C 184 -13.31 -26.22 -10.87
C ARG C 184 -13.48 -24.73 -10.65
N ALA C 185 -14.10 -24.35 -9.53
CA ALA C 185 -14.53 -22.97 -9.36
C ALA C 185 -14.74 -22.68 -7.88
N LYS C 186 -14.98 -21.41 -7.58
CA LYS C 186 -15.27 -20.95 -6.24
C LYS C 186 -16.27 -19.80 -6.32
N THR C 187 -17.32 -19.87 -5.51
CA THR C 187 -18.30 -18.81 -5.41
C THR C 187 -17.85 -17.74 -4.43
N GLY C 188 -18.44 -16.56 -4.56
CA GLY C 188 -18.21 -15.48 -3.62
C GLY C 188 -19.46 -14.66 -3.45
N TYR C 189 -19.61 -14.08 -2.26
CA TYR C 189 -20.77 -13.27 -1.92
C TYR C 189 -20.28 -12.13 -1.02
N SER C 190 -20.24 -10.91 -1.56
CA SER C 190 -19.72 -9.76 -0.85
C SER C 190 -20.89 -8.91 -0.38
N THR C 191 -21.06 -8.81 0.94
CA THR C 191 -22.20 -8.12 1.53
C THR C 191 -21.83 -7.04 2.52
N ARG C 192 -20.60 -6.99 3.02
CA ARG C 192 -20.25 -6.10 4.12
C ARG C 192 -19.99 -4.67 3.65
N ILE C 193 -19.68 -4.49 2.37
CA ILE C 193 -19.40 -3.17 1.82
C ILE C 193 -20.09 -3.06 0.46
N GLU C 194 -20.66 -1.89 0.19
CA GLU C 194 -21.34 -1.69 -1.08
C GLU C 194 -20.33 -1.55 -2.21
N PRO C 195 -20.69 -2.00 -3.43
CA PRO C 195 -21.96 -2.64 -3.78
C PRO C 195 -21.96 -4.13 -3.46
N LYS C 196 -23.09 -4.65 -2.99
CA LYS C 196 -23.21 -6.08 -2.76
C LYS C 196 -23.19 -6.82 -4.09
N ILE C 197 -22.31 -7.81 -4.22
CA ILE C 197 -22.13 -8.53 -5.47
C ILE C 197 -21.93 -10.02 -5.17
N GLY C 198 -22.19 -10.84 -6.19
CA GLY C 198 -21.85 -12.24 -6.19
C GLY C 198 -20.73 -12.51 -7.18
N TRP C 199 -19.89 -13.49 -6.86
CA TRP C 199 -18.80 -13.95 -7.72
C TRP C 199 -19.03 -15.39 -8.14
N TRP C 200 -18.50 -15.75 -9.31
CA TRP C 200 -18.19 -17.15 -9.62
C TRP C 200 -16.98 -17.14 -10.54
N VAL C 201 -15.90 -17.77 -10.10
CA VAL C 201 -14.64 -17.80 -10.85
C VAL C 201 -14.10 -19.22 -10.86
N GLY C 202 -13.48 -19.58 -11.97
CA GLY C 202 -12.92 -20.92 -12.13
C GLY C 202 -12.63 -21.20 -13.59
N TRP C 203 -12.78 -22.46 -13.98
CA TRP C 203 -12.58 -22.83 -15.37
C TRP C 203 -13.37 -24.10 -15.68
N VAL C 204 -13.57 -24.30 -16.98
CA VAL C 204 -14.24 -25.48 -17.51
C VAL C 204 -13.21 -26.28 -18.30
N GLU C 205 -12.94 -27.51 -17.86
CA GLU C 205 -12.00 -28.38 -18.55
C GLU C 205 -12.75 -29.20 -19.59
N LEU C 206 -12.31 -29.11 -20.84
CA LEU C 206 -12.79 -29.94 -21.92
C LEU C 206 -11.70 -30.91 -22.36
N ASP C 207 -12.07 -31.81 -23.27
CA ASP C 207 -11.11 -32.81 -23.76
C ASP C 207 -9.85 -32.16 -24.31
N ASP C 208 -9.98 -31.06 -25.06
CA ASP C 208 -8.83 -30.49 -25.75
C ASP C 208 -8.77 -28.96 -25.61
N ASN C 209 -9.35 -28.41 -24.55
CA ASN C 209 -9.24 -26.99 -24.29
C ASN C 209 -9.72 -26.73 -22.87
N VAL C 210 -9.41 -25.54 -22.36
CA VAL C 210 -9.89 -25.09 -21.07
C VAL C 210 -10.39 -23.66 -21.23
N TRP C 211 -11.59 -23.41 -20.73
CA TRP C 211 -12.20 -22.08 -20.75
C TRP C 211 -12.20 -21.55 -19.32
N PHE C 212 -11.40 -20.53 -19.06
CA PHE C 212 -11.43 -19.86 -17.78
C PHE C 212 -12.59 -18.86 -17.77
N PHE C 213 -13.20 -18.69 -16.60
CA PHE C 213 -14.32 -17.77 -16.49
C PHE C 213 -14.26 -17.03 -15.17
N ALA C 214 -14.79 -15.82 -15.18
CA ALA C 214 -14.95 -15.01 -13.97
C ALA C 214 -16.16 -14.12 -14.18
N MET C 215 -17.14 -14.23 -13.29
CA MET C 215 -18.35 -13.43 -13.38
C MET C 215 -18.62 -12.79 -12.03
N ASN C 216 -19.17 -11.57 -12.07
CA ASN C 216 -19.77 -10.99 -10.89
C ASN C 216 -21.02 -10.24 -11.32
N MET C 217 -21.93 -10.06 -10.35
CA MET C 217 -23.22 -9.45 -10.61
C MET C 217 -23.70 -8.78 -9.34
N ASP C 218 -24.49 -7.72 -9.51
CA ASP C 218 -25.09 -7.07 -8.36
C ASP C 218 -25.98 -8.06 -7.62
N MET C 219 -25.88 -8.05 -6.30
CA MET C 219 -26.57 -9.03 -5.46
C MET C 219 -27.16 -8.31 -4.25
N PRO C 220 -28.23 -7.54 -4.47
CA PRO C 220 -28.85 -6.81 -3.35
C PRO C 220 -29.39 -7.72 -2.28
N THR C 221 -29.86 -8.92 -2.63
CA THR C 221 -30.32 -9.90 -1.66
C THR C 221 -29.78 -11.27 -2.04
N SER C 222 -29.80 -12.18 -1.07
CA SER C 222 -29.33 -13.54 -1.28
C SER C 222 -30.25 -14.36 -2.18
N ASP C 223 -31.44 -13.85 -2.51
CA ASP C 223 -32.38 -14.62 -3.31
C ASP C 223 -31.81 -14.98 -4.68
N GLY C 224 -30.91 -14.16 -5.21
CA GLY C 224 -30.38 -14.36 -6.54
C GLY C 224 -29.05 -15.09 -6.61
N LEU C 225 -28.61 -15.73 -5.53
CA LEU C 225 -27.28 -16.34 -5.52
C LEU C 225 -27.17 -17.44 -6.56
N GLY C 226 -28.23 -18.21 -6.76
CA GLY C 226 -28.21 -19.25 -7.78
C GLY C 226 -27.99 -18.72 -9.18
N LEU C 227 -28.23 -17.42 -9.38
CA LEU C 227 -28.03 -16.83 -10.70
C LEU C 227 -26.56 -16.75 -11.08
N ARG C 228 -25.65 -16.76 -10.09
CA ARG C 228 -24.23 -16.75 -10.40
C ARG C 228 -23.86 -17.90 -11.33
N GLN C 229 -24.26 -19.11 -10.96
CA GLN C 229 -23.97 -20.28 -11.79
C GLN C 229 -24.92 -20.37 -12.98
N ALA C 230 -26.20 -20.03 -12.78
CA ALA C 230 -27.18 -20.18 -13.85
C ALA C 230 -26.85 -19.27 -15.03
N ILE C 231 -26.53 -18.01 -14.75
CA ILE C 231 -26.21 -17.08 -15.83
C ILE C 231 -24.92 -17.50 -16.53
N THR C 232 -23.91 -17.90 -15.77
CA THR C 232 -22.66 -18.34 -16.37
C THR C 232 -22.90 -19.50 -17.33
N LYS C 233 -23.70 -20.49 -16.89
CA LYS C 233 -23.94 -21.65 -17.73
C LYS C 233 -24.77 -21.31 -18.95
N GLU C 234 -25.69 -20.34 -18.84
CA GLU C 234 -26.42 -19.90 -20.02
C GLU C 234 -25.47 -19.36 -21.07
N VAL C 235 -24.46 -18.60 -20.65
CA VAL C 235 -23.45 -18.10 -21.58
C VAL C 235 -22.62 -19.24 -22.13
N LEU C 236 -22.20 -20.16 -21.26
CA LEU C 236 -21.42 -21.31 -21.72
C LEU C 236 -22.20 -22.13 -22.74
N LYS C 237 -23.49 -22.33 -22.51
CA LYS C 237 -24.32 -23.06 -23.46
C LYS C 237 -24.43 -22.29 -24.78
N GLN C 238 -24.67 -20.99 -24.70
CA GLN C 238 -24.80 -20.18 -25.91
C GLN C 238 -23.55 -20.27 -26.77
N GLU C 239 -22.37 -20.20 -26.16
CA GLU C 239 -21.11 -20.30 -26.89
C GLU C 239 -20.73 -21.74 -27.21
N LYS C 240 -21.63 -22.69 -26.96
CA LYS C 240 -21.41 -24.09 -27.31
C LYS C 240 -20.21 -24.68 -26.57
N ILE C 241 -19.89 -24.13 -25.39
CA ILE C 241 -18.80 -24.68 -24.59
C ILE C 241 -19.29 -25.91 -23.82
N ILE C 242 -20.50 -25.86 -23.30
CA ILE C 242 -21.11 -27.01 -22.64
C ILE C 242 -22.44 -27.29 -23.32
N PRO C 243 -22.93 -28.53 -23.25
CA PRO C 243 -24.24 -28.83 -23.86
C PRO C 243 -25.39 -28.13 -23.15
N GLU D 2 36.55 -12.13 -14.11
CA GLU D 2 35.56 -11.06 -14.31
C GLU D 2 34.37 -11.21 -13.38
N TRP D 3 33.46 -10.24 -13.48
CA TRP D 3 32.22 -10.23 -12.73
C TRP D 3 31.10 -9.85 -13.68
N GLN D 4 29.90 -10.34 -13.39
CA GLN D 4 28.75 -10.16 -14.26
C GLN D 4 27.51 -9.98 -13.41
N GLU D 5 26.79 -8.88 -13.64
CA GLU D 5 25.59 -8.58 -12.88
C GLU D 5 24.38 -9.11 -13.62
N ASN D 6 23.56 -9.90 -12.93
CA ASN D 6 22.36 -10.51 -13.51
C ASN D 6 21.19 -10.08 -12.63
N LYS D 7 20.55 -8.97 -13.02
CA LYS D 7 19.46 -8.41 -12.24
C LYS D 7 18.20 -9.28 -12.28
N SER D 8 18.14 -10.29 -13.15
CA SER D 8 16.98 -11.17 -13.17
C SER D 8 16.81 -11.89 -11.84
N TRP D 9 17.92 -12.12 -11.12
CA TRP D 9 17.82 -12.76 -9.82
C TRP D 9 17.08 -11.91 -8.80
N ASN D 10 17.02 -10.59 -9.00
CA ASN D 10 16.30 -9.73 -8.08
C ASN D 10 14.87 -10.18 -7.88
N ALA D 11 14.27 -10.82 -8.89
CA ALA D 11 12.90 -11.31 -8.75
C ALA D 11 12.77 -12.26 -7.57
N HIS D 12 13.81 -13.08 -7.34
CA HIS D 12 13.74 -14.03 -6.23
C HIS D 12 13.70 -13.33 -4.88
N PHE D 13 14.25 -12.11 -4.79
CA PHE D 13 14.09 -11.31 -3.59
C PHE D 13 12.78 -10.53 -3.61
N THR D 14 12.43 -9.95 -4.76
CA THR D 14 11.22 -9.14 -4.87
C THR D 14 9.98 -9.94 -4.49
N GLU D 15 9.84 -11.15 -5.07
CA GLU D 15 8.70 -12.02 -4.80
C GLU D 15 8.38 -12.08 -3.31
N HIS D 16 9.42 -12.06 -2.46
CA HIS D 16 9.23 -12.14 -1.02
C HIS D 16 9.30 -10.77 -0.35
N LYS D 17 9.19 -9.69 -1.14
CA LYS D 17 9.27 -8.33 -0.62
C LYS D 17 10.53 -8.17 0.23
N SER D 18 11.63 -8.73 -0.25
CA SER D 18 12.89 -8.74 0.46
C SER D 18 13.95 -8.09 -0.40
N GLN D 19 15.06 -7.74 0.23
CA GLN D 19 16.22 -7.20 -0.46
C GLN D 19 17.47 -7.93 0.01
N GLY D 20 18.34 -8.26 -0.92
CA GLY D 20 19.57 -8.95 -0.57
C GLY D 20 20.43 -9.13 -1.80
N VAL D 21 21.48 -9.93 -1.64
CA VAL D 21 22.42 -10.22 -2.71
C VAL D 21 22.73 -11.71 -2.69
N VAL D 22 22.86 -12.28 -3.88
CA VAL D 22 23.46 -13.60 -4.06
C VAL D 22 24.73 -13.40 -4.89
N VAL D 23 25.82 -13.98 -4.43
CA VAL D 23 27.10 -13.95 -5.15
C VAL D 23 27.50 -15.38 -5.44
N LEU D 24 27.74 -15.69 -6.70
CA LEU D 24 28.22 -17.00 -7.11
C LEU D 24 29.61 -16.86 -7.73
N TRP D 25 30.44 -17.88 -7.52
CA TRP D 25 31.77 -17.91 -8.09
C TRP D 25 32.00 -19.27 -8.72
N ASN D 26 32.23 -19.27 -10.03
CA ASN D 26 32.55 -20.49 -10.79
C ASN D 26 34.05 -20.72 -10.69
N GLU D 27 34.45 -21.76 -9.97
CA GLU D 27 35.87 -21.98 -9.69
C GLU D 27 36.63 -22.37 -10.97
N ASN D 28 36.03 -23.23 -11.80
CA ASN D 28 36.72 -23.65 -13.02
C ASN D 28 36.99 -22.47 -13.94
N LYS D 29 36.00 -21.61 -14.13
CA LYS D 29 36.09 -20.49 -15.05
C LYS D 29 36.63 -19.22 -14.40
N GLN D 30 36.77 -19.19 -13.08
CA GLN D 30 37.22 -17.99 -12.37
C GLN D 30 36.37 -16.79 -12.75
N GLN D 31 35.05 -16.97 -12.68
CA GLN D 31 34.09 -15.93 -13.02
C GLN D 31 33.07 -15.81 -11.90
N GLY D 32 32.69 -14.58 -11.60
CA GLY D 32 31.70 -14.32 -10.56
C GLY D 32 30.40 -13.77 -11.13
N PHE D 33 29.32 -13.98 -10.39
CA PHE D 33 27.99 -13.56 -10.81
C PHE D 33 27.22 -13.07 -9.59
N THR D 34 26.48 -11.99 -9.76
CA THR D 34 25.67 -11.46 -8.66
C THR D 34 24.51 -10.65 -9.24
N ASN D 35 23.49 -10.48 -8.41
CA ASN D 35 22.38 -9.61 -8.76
C ASN D 35 22.64 -8.15 -8.42
N ASN D 36 23.67 -7.86 -7.64
CA ASN D 36 23.87 -6.51 -7.11
C ASN D 36 25.36 -6.35 -6.79
N LEU D 37 26.10 -5.79 -7.75
CA LEU D 37 27.54 -5.64 -7.58
C LEU D 37 27.87 -4.81 -6.34
N LYS D 38 27.07 -3.78 -6.07
CA LYS D 38 27.34 -2.91 -4.93
C LYS D 38 27.15 -3.64 -3.61
N ARG D 39 25.98 -4.26 -3.41
CA ARG D 39 25.75 -4.97 -2.15
C ARG D 39 26.66 -6.16 -2.01
N ALA D 40 27.10 -6.76 -3.12
CA ALA D 40 28.04 -7.85 -3.06
C ALA D 40 29.31 -7.45 -2.32
N ASN D 41 29.67 -6.17 -2.35
CA ASN D 41 30.86 -5.67 -1.69
C ASN D 41 30.54 -4.90 -0.41
N GLN D 42 29.29 -4.88 0.03
CA GLN D 42 28.93 -4.21 1.26
C GLN D 42 29.26 -5.10 2.44
N ALA D 43 29.94 -4.54 3.44
CA ALA D 43 30.45 -5.31 4.56
C ALA D 43 29.47 -5.26 5.73
N PHE D 44 29.15 -6.42 6.27
CA PHE D 44 28.23 -6.58 7.38
C PHE D 44 28.90 -7.35 8.50
N LEU D 45 28.28 -7.33 9.67
CA LEU D 45 28.67 -8.25 10.73
C LEU D 45 28.53 -9.67 10.21
N PRO D 46 29.51 -10.55 10.43
CA PRO D 46 29.38 -11.93 9.95
C PRO D 46 28.42 -12.78 10.75
N ALA D 47 28.15 -12.41 12.01
CA ALA D 47 27.32 -13.19 12.92
C ALA D 47 27.81 -14.64 12.89
N SER D 48 26.94 -15.64 12.80
CA SER D 48 27.34 -17.02 12.97
C SER D 48 28.15 -17.58 11.81
N THR D 49 28.28 -16.87 10.68
CA THR D 49 29.24 -17.33 9.67
C THR D 49 30.66 -17.26 10.21
N PHE D 50 30.88 -16.51 11.28
CA PHE D 50 32.19 -16.42 11.90
C PHE D 50 32.58 -17.73 12.60
N KCX D 51 31.63 -18.64 12.75
CA KCX D 51 31.93 -19.92 13.37
CB KCX D 51 30.65 -20.71 13.63
CG KCX D 51 29.81 -20.10 14.76
CD KCX D 51 28.64 -20.98 15.17
CE KCX D 51 28.00 -20.44 16.45
NZ KCX D 51 27.40 -19.10 16.22
C KCX D 51 32.90 -20.72 12.51
O KCX D 51 33.60 -21.60 13.01
CX KCX D 51 28.00 -17.98 16.64
OQ1 KCX D 51 27.46 -16.88 16.42
OQ2 KCX D 51 29.08 -18.03 17.26
H KCX D 51 30.81 -18.54 12.50
HA KCX D 51 32.37 -19.76 14.23
HB2 KCX D 51 30.88 -21.62 13.88
HG2 KCX D 51 30.39 -19.97 15.54
HD2 KCX D 51 28.97 -21.87 15.36
HE2 KCX D 51 27.29 -21.04 16.72
N ILE D 52 32.99 -20.40 11.22
CA ILE D 52 33.97 -21.08 10.36
C ILE D 52 35.39 -20.70 10.80
N PRO D 53 35.77 -19.42 10.71
CA PRO D 53 37.13 -19.04 11.16
C PRO D 53 37.36 -19.32 12.63
N ASN D 54 36.34 -19.11 13.47
CA ASN D 54 36.49 -19.39 14.90
C ASN D 54 36.81 -20.87 15.13
N SER D 55 36.14 -21.77 14.41
CA SER D 55 36.43 -23.19 14.52
C SER D 55 37.86 -23.50 14.09
N LEU D 56 38.29 -22.92 12.96
CA LEU D 56 39.64 -23.16 12.47
C LEU D 56 40.67 -22.76 13.52
N ILE D 57 40.49 -21.60 14.15
CA ILE D 57 41.46 -21.10 15.11
C ILE D 57 41.46 -21.97 16.35
N ALA D 58 40.28 -22.31 16.87
CA ALA D 58 40.20 -23.16 18.05
C ALA D 58 40.87 -24.51 17.81
N LEU D 59 40.68 -25.08 16.62
CA LEU D 59 41.30 -26.37 16.33
C LEU D 59 42.81 -26.25 16.21
N ASP D 60 43.30 -25.22 15.52
CA ASP D 60 44.74 -25.12 15.28
C ASP D 60 45.49 -24.83 16.57
N LEU D 61 44.86 -24.17 17.53
CA LEU D 61 45.50 -23.85 18.80
C LEU D 61 45.28 -24.93 19.86
N GLY D 62 44.53 -25.97 19.55
CA GLY D 62 44.27 -27.02 20.52
C GLY D 62 43.16 -26.71 21.50
N VAL D 63 42.46 -25.60 21.34
CA VAL D 63 41.29 -25.32 22.18
C VAL D 63 40.25 -26.42 21.97
N VAL D 64 40.09 -26.88 20.74
CA VAL D 64 39.28 -28.04 20.41
C VAL D 64 40.25 -29.12 19.93
N LYS D 65 40.23 -30.28 20.60
CA LYS D 65 41.15 -31.35 20.25
C LYS D 65 40.74 -32.02 18.94
N ASP D 66 39.46 -32.35 18.81
CA ASP D 66 38.94 -32.96 17.59
C ASP D 66 37.42 -32.77 17.57
N GLU D 67 36.79 -33.31 16.53
CA GLU D 67 35.37 -33.10 16.31
C GLU D 67 34.50 -33.94 17.23
N HIS D 68 35.09 -34.80 18.07
CA HIS D 68 34.33 -35.61 19.02
C HIS D 68 34.33 -35.04 20.43
N GLN D 69 35.26 -34.16 20.76
CA GLN D 69 35.33 -33.58 22.09
C GLN D 69 33.99 -32.96 22.46
N VAL D 70 33.52 -33.28 23.66
CA VAL D 70 32.21 -32.84 24.14
C VAL D 70 32.37 -31.55 24.93
N PHE D 71 31.55 -30.56 24.60
CA PHE D 71 31.48 -29.30 25.33
C PHE D 71 30.19 -29.30 26.14
N LYS D 72 30.34 -29.41 27.46
CA LYS D 72 29.19 -29.61 28.34
C LYS D 72 28.31 -28.37 28.39
N TRP D 73 27.00 -28.59 28.38
CA TRP D 73 26.06 -27.51 28.63
C TRP D 73 26.35 -26.87 29.98
N ASP D 74 26.39 -25.54 30.03
CA ASP D 74 26.71 -24.83 31.26
C ASP D 74 25.52 -24.75 32.22
N GLY D 75 24.44 -25.47 31.94
CA GLY D 75 23.29 -25.50 32.81
C GLY D 75 22.43 -24.25 32.79
N GLN D 76 22.75 -23.27 31.95
CA GLN D 76 21.95 -22.05 31.83
C GLN D 76 20.95 -22.23 30.70
N THR D 77 19.66 -22.19 31.05
CA THR D 77 18.62 -22.37 30.05
C THR D 77 18.51 -21.13 29.16
N ARG D 78 18.61 -21.33 27.85
CA ARG D 78 18.53 -20.26 26.87
C ARG D 78 17.33 -20.50 25.97
N ASP D 79 16.97 -19.45 25.21
CA ASP D 79 15.72 -19.44 24.47
C ASP D 79 15.70 -20.40 23.29
N ILE D 80 16.85 -20.97 22.92
CA ILE D 80 16.94 -21.92 21.83
C ILE D 80 17.19 -23.29 22.44
N ALA D 81 16.19 -24.17 22.37
CA ALA D 81 16.24 -25.43 23.09
C ALA D 81 17.46 -26.26 22.71
N THR D 82 17.81 -26.29 21.42
CA THR D 82 18.94 -27.10 20.98
C THR D 82 20.25 -26.66 21.59
N TRP D 83 20.31 -25.43 22.13
CA TRP D 83 21.51 -24.98 22.82
C TRP D 83 21.65 -25.55 24.22
N ASN D 84 20.55 -26.04 24.81
CA ASN D 84 20.55 -26.49 26.20
C ASN D 84 20.88 -27.98 26.30
N ARG D 85 22.06 -28.33 25.80
CA ARG D 85 22.50 -29.72 25.81
C ARG D 85 23.99 -29.75 25.51
N ASP D 86 24.59 -30.93 25.70
CA ASP D 86 25.98 -31.12 25.34
C ASP D 86 26.15 -31.04 23.83
N HIS D 87 27.33 -30.61 23.40
CA HIS D 87 27.62 -30.50 21.97
C HIS D 87 29.08 -30.87 21.70
N ASN D 88 29.32 -31.30 20.47
CA ASN D 88 30.66 -31.36 19.91
C ASN D 88 30.75 -30.34 18.77
N LEU D 89 31.88 -30.32 18.08
CA LEU D 89 32.07 -29.33 17.03
C LEU D 89 31.03 -29.48 15.93
N ILE D 90 30.69 -30.72 15.57
CA ILE D 90 29.72 -30.96 14.51
C ILE D 90 28.37 -30.40 14.90
N THR D 91 27.87 -30.78 16.08
CA THR D 91 26.55 -30.36 16.50
C THR D 91 26.52 -28.88 16.87
N ALA D 92 27.62 -28.36 17.41
CA ALA D 92 27.67 -26.93 17.73
C ALA D 92 27.53 -26.09 16.47
N MET D 93 28.17 -26.51 15.38
CA MET D 93 28.01 -25.82 14.10
C MET D 93 26.60 -25.99 13.55
N LYS D 94 26.10 -27.22 13.58
CA LYS D 94 24.79 -27.52 13.02
C LYS D 94 23.70 -26.66 13.65
N TYR D 95 23.74 -26.51 14.97
CA TYR D 95 22.73 -25.74 15.69
C TYR D 95 23.21 -24.35 16.03
N SER D 96 24.35 -23.93 15.49
CA SER D 96 24.87 -22.58 15.63
C SER D 96 24.86 -22.15 17.11
N VAL D 97 25.54 -22.95 17.92
CA VAL D 97 25.47 -22.80 19.38
C VAL D 97 26.43 -21.69 19.82
N VAL D 98 25.90 -20.47 19.91
CA VAL D 98 26.72 -19.31 20.27
C VAL D 98 27.51 -19.55 21.55
N PRO D 99 26.91 -19.97 22.67
CA PRO D 99 27.68 -20.03 23.93
C PRO D 99 28.89 -20.94 23.86
N VAL D 100 28.86 -21.99 23.04
CA VAL D 100 30.03 -22.85 22.88
C VAL D 100 31.16 -22.06 22.22
N TYR D 101 30.85 -21.30 21.17
CA TYR D 101 31.88 -20.55 20.48
C TYR D 101 32.34 -19.32 21.25
N GLN D 102 31.49 -18.79 22.12
CA GLN D 102 31.93 -17.74 23.03
C GLN D 102 33.00 -18.27 23.98
N GLU D 103 32.83 -19.50 24.45
CA GLU D 103 33.88 -20.12 25.26
C GLU D 103 35.15 -20.34 24.45
N PHE D 104 35.02 -20.81 23.21
CA PHE D 104 36.18 -20.89 22.32
C PHE D 104 36.93 -19.58 22.26
N ALA D 105 36.20 -18.49 21.98
CA ALA D 105 36.85 -17.20 21.77
C ALA D 105 37.59 -16.74 23.02
N ARG D 106 37.00 -16.97 24.20
CA ARG D 106 37.65 -16.57 25.45
C ARG D 106 38.96 -17.34 25.64
N GLN D 107 38.98 -18.62 25.27
CA GLN D 107 40.22 -19.39 25.40
C GLN D 107 41.23 -19.00 24.35
N ILE D 108 40.77 -18.63 23.15
CA ILE D 108 41.68 -18.13 22.12
C ILE D 108 42.32 -16.83 22.58
N GLY D 109 41.51 -15.87 23.01
CA GLY D 109 42.02 -14.60 23.50
C GLY D 109 42.14 -13.56 22.39
N GLU D 110 42.16 -12.29 22.82
CA GLU D 110 42.17 -11.18 21.86
C GLU D 110 43.40 -11.24 20.97
N ALA D 111 44.59 -11.42 21.57
CA ALA D 111 45.82 -11.32 20.80
C ALA D 111 45.86 -12.37 19.68
N ARG D 112 45.62 -13.63 20.02
CA ARG D 112 45.69 -14.68 19.00
C ARG D 112 44.55 -14.57 18.00
N MET D 113 43.36 -14.15 18.44
CA MET D 113 42.25 -13.96 17.52
C MET D 113 42.58 -12.89 16.48
N SER D 114 43.12 -11.76 16.93
CA SER D 114 43.45 -10.69 15.99
C SER D 114 44.51 -11.13 14.99
N LYS D 115 45.57 -11.79 15.49
CA LYS D 115 46.63 -12.26 14.61
C LYS D 115 46.09 -13.22 13.55
N MET D 116 45.20 -14.13 13.95
CA MET D 116 44.72 -15.14 13.02
C MET D 116 43.83 -14.54 11.95
N LEU D 117 42.96 -13.59 12.33
CA LEU D 117 42.09 -12.95 11.33
C LEU D 117 42.90 -12.10 10.38
N HIS D 118 43.98 -11.48 10.84
CA HIS D 118 44.91 -10.85 9.92
C HIS D 118 45.54 -11.90 9.02
N ALA D 119 45.90 -13.04 9.59
CA ALA D 119 46.48 -14.10 8.78
C ALA D 119 45.50 -14.61 7.73
N PHE D 120 44.21 -14.65 8.07
CA PHE D 120 43.17 -15.09 7.14
C PHE D 120 42.78 -14.02 6.12
N ASP D 121 43.23 -12.78 6.30
CA ASP D 121 42.79 -11.67 5.45
C ASP D 121 41.27 -11.54 5.53
N TYR D 122 40.73 -11.74 6.73
CA TYR D 122 39.29 -11.92 6.92
C TYR D 122 38.63 -10.56 7.12
N GLY D 123 37.83 -10.14 6.13
CA GLY D 123 37.05 -8.93 6.28
C GLY D 123 37.92 -7.73 6.57
N ASN D 124 37.44 -6.87 7.47
CA ASN D 124 38.22 -5.72 7.90
C ASN D 124 39.17 -6.06 9.04
N GLU D 125 39.23 -7.33 9.47
CA GLU D 125 40.21 -7.80 10.43
C GLU D 125 40.13 -7.07 11.77
N ASP D 126 38.97 -6.50 12.09
CA ASP D 126 38.80 -5.66 13.28
C ASP D 126 37.95 -6.42 14.29
N ILE D 127 38.55 -6.78 15.43
CA ILE D 127 37.87 -7.52 16.48
C ILE D 127 37.45 -6.62 17.64
N SER D 128 37.39 -5.31 17.43
CA SER D 128 37.01 -4.39 18.49
C SER D 128 35.69 -4.84 19.12
N GLY D 129 35.64 -4.75 20.45
CA GLY D 129 34.50 -5.23 21.20
C GLY D 129 34.87 -6.33 22.16
N ASN D 130 33.88 -7.09 22.63
CA ASN D 130 34.17 -8.21 23.51
C ASN D 130 34.79 -9.35 22.71
N VAL D 131 35.83 -9.98 23.28
CA VAL D 131 36.50 -11.06 22.58
C VAL D 131 35.51 -12.18 22.27
N ASP D 132 34.46 -12.30 23.08
CA ASP D 132 33.48 -13.37 22.94
C ASP D 132 32.16 -12.89 22.31
N SER D 133 32.15 -11.73 21.66
CA SER D 133 30.93 -11.32 20.97
C SER D 133 31.15 -10.34 19.83
N PHE D 134 32.41 -10.07 19.47
CA PHE D 134 32.66 -9.02 18.48
C PHE D 134 32.06 -9.36 17.12
N TRP D 135 31.91 -10.65 16.80
CA TRP D 135 31.29 -11.03 15.54
C TRP D 135 29.78 -10.89 15.55
N LEU D 136 29.18 -10.59 16.70
CA LEU D 136 27.75 -10.36 16.82
C LEU D 136 27.39 -8.91 17.06
N ASP D 137 28.24 -8.14 17.74
CA ASP D 137 27.95 -6.74 18.02
C ASP D 137 29.21 -5.89 18.14
N GLY D 138 30.33 -6.32 17.58
CA GLY D 138 31.57 -5.58 17.61
C GLY D 138 31.87 -4.90 16.29
N GLY D 139 33.16 -4.71 16.02
CA GLY D 139 33.61 -3.94 14.89
C GLY D 139 33.97 -4.71 13.63
N ILE D 140 33.89 -6.04 13.65
CA ILE D 140 34.31 -6.82 12.50
C ILE D 140 33.25 -6.74 11.41
N ARG D 141 33.70 -6.65 10.16
CA ARG D 141 32.81 -6.52 9.01
C ARG D 141 33.39 -7.31 7.85
N ILE D 142 32.51 -7.92 7.06
CA ILE D 142 32.91 -8.71 5.90
C ILE D 142 31.80 -8.65 4.86
N SER D 143 32.20 -8.58 3.60
CA SER D 143 31.26 -8.57 2.48
C SER D 143 31.08 -9.98 1.91
N ALA D 144 30.07 -10.13 1.06
CA ALA D 144 29.82 -11.41 0.40
C ALA D 144 31.01 -11.83 -0.45
N THR D 145 31.60 -10.90 -1.20
CA THR D 145 32.75 -11.25 -2.02
C THR D 145 33.95 -11.62 -1.15
N GLU D 146 34.08 -10.99 0.01
CA GLU D 146 35.16 -11.34 0.93
C GLU D 146 34.93 -12.70 1.58
N GLN D 147 33.67 -13.06 1.82
CA GLN D 147 33.38 -14.42 2.29
C GLN D 147 33.84 -15.45 1.28
N ILE D 148 33.58 -15.22 -0.01
CA ILE D 148 33.98 -16.17 -1.03
C ILE D 148 35.49 -16.29 -1.10
N SER D 149 36.20 -15.16 -1.06
CA SER D 149 37.65 -15.21 -1.08
C SER D 149 38.19 -16.06 0.05
N PHE D 150 37.62 -15.89 1.25
CA PHE D 150 38.04 -16.68 2.40
C PHE D 150 37.68 -18.15 2.21
N LEU D 151 36.47 -18.43 1.72
CA LEU D 151 36.04 -19.81 1.53
C LEU D 151 36.90 -20.52 0.47
N ARG D 152 37.30 -19.79 -0.58
CA ARG D 152 38.14 -20.41 -1.60
C ARG D 152 39.46 -20.88 -1.02
N LYS D 153 40.05 -20.10 -0.12
CA LYS D 153 41.28 -20.52 0.53
C LYS D 153 41.04 -21.76 1.38
N LEU D 154 39.94 -21.78 2.15
CA LEU D 154 39.60 -22.94 2.96
C LEU D 154 39.43 -24.18 2.10
N TYR D 155 38.68 -24.06 1.00
CA TYR D 155 38.47 -25.21 0.12
C TYR D 155 39.81 -25.79 -0.34
N HIS D 156 40.76 -24.93 -0.68
CA HIS D 156 42.05 -25.37 -1.21
C HIS D 156 43.08 -25.63 -0.11
N ASN D 157 42.68 -25.58 1.16
CA ASN D 157 43.61 -25.79 2.28
C ASN D 157 44.74 -24.77 2.27
N LYS D 158 44.45 -23.55 1.82
CA LYS D 158 45.48 -22.51 1.70
C LYS D 158 45.46 -21.51 2.84
N LEU D 159 44.56 -21.67 3.82
CA LEU D 159 44.63 -20.84 5.00
C LEU D 159 45.83 -21.24 5.86
N HIS D 160 46.37 -20.29 6.61
CA HIS D 160 47.58 -20.54 7.40
C HIS D 160 47.24 -21.12 8.76
N VAL D 161 46.53 -22.26 8.69
CA VAL D 161 46.39 -23.19 9.78
C VAL D 161 46.66 -24.57 9.19
N SER D 162 46.72 -25.58 10.04
CA SER D 162 47.07 -26.91 9.57
C SER D 162 46.02 -27.43 8.59
N GLU D 163 46.46 -28.32 7.70
CA GLU D 163 45.51 -28.99 6.80
C GLU D 163 44.45 -29.73 7.60
N ARG D 164 44.86 -30.38 8.70
CA ARG D 164 43.92 -31.10 9.53
C ARG D 164 42.82 -30.18 10.05
N SER D 165 43.20 -29.00 10.55
CA SER D 165 42.20 -28.06 11.05
C SER D 165 41.20 -27.70 9.96
N GLN D 166 41.68 -27.49 8.73
CA GLN D 166 40.79 -27.10 7.64
C GLN D 166 39.90 -28.27 7.22
N ARG D 167 40.44 -29.49 7.19
CA ARG D 167 39.61 -30.65 6.85
C ARG D 167 38.50 -30.85 7.89
N ILE D 168 38.81 -30.69 9.17
CA ILE D 168 37.80 -30.90 10.20
C ILE D 168 36.67 -29.87 10.07
N VAL D 169 37.03 -28.60 9.84
CA VAL D 169 36.00 -27.57 9.71
C VAL D 169 35.13 -27.84 8.50
N LYS D 170 35.73 -28.23 7.38
CA LYS D 170 34.94 -28.53 6.19
C LYS D 170 34.01 -29.71 6.42
N GLN D 171 34.43 -30.68 7.24
CA GLN D 171 33.51 -31.74 7.64
C GLN D 171 32.34 -31.16 8.44
N ALA D 172 32.64 -30.29 9.42
CA ALA D 172 31.60 -29.70 10.24
C ALA D 172 30.68 -28.78 9.45
N MET D 173 31.13 -28.28 8.29
CA MET D 173 30.29 -27.44 7.45
C MET D 173 29.31 -28.24 6.60
N LEU D 174 29.42 -29.56 6.57
CA LEU D 174 28.55 -30.38 5.74
C LEU D 174 27.09 -30.10 6.06
N THR D 175 26.33 -29.72 5.05
CA THR D 175 24.93 -29.34 5.20
C THR D 175 23.99 -30.27 4.46
N GLU D 176 24.35 -30.67 3.25
CA GLU D 176 23.48 -31.50 2.43
C GLU D 176 24.34 -32.26 1.43
N ALA D 177 23.95 -33.50 1.17
CA ALA D 177 24.64 -34.31 0.18
C ALA D 177 23.66 -35.32 -0.40
N ASN D 178 23.70 -35.45 -1.72
CA ASN D 178 22.90 -36.42 -2.44
C ASN D 178 23.68 -36.83 -3.68
N GLY D 179 23.04 -37.59 -4.57
CA GLY D 179 23.71 -38.04 -5.77
C GLY D 179 24.09 -36.95 -6.73
N ASP D 180 23.56 -35.73 -6.54
CA ASP D 180 23.77 -34.64 -7.48
C ASP D 180 24.73 -33.56 -6.99
N TYR D 181 24.84 -33.35 -5.68
CA TYR D 181 25.70 -32.27 -5.19
C TYR D 181 25.95 -32.45 -3.70
N ILE D 182 26.98 -31.76 -3.22
CA ILE D 182 27.30 -31.64 -1.81
C ILE D 182 27.39 -30.15 -1.49
N ILE D 183 26.71 -29.74 -0.42
CA ILE D 183 26.79 -28.35 0.06
C ILE D 183 27.49 -28.35 1.40
N ARG D 184 28.56 -27.57 1.49
CA ARG D 184 29.20 -27.23 2.76
C ARG D 184 29.02 -25.74 2.97
N ALA D 185 28.40 -25.36 4.09
CA ALA D 185 27.96 -23.99 4.25
C ALA D 185 27.73 -23.69 5.73
N LYS D 186 27.47 -22.43 6.01
CA LYS D 186 27.15 -21.98 7.36
C LYS D 186 26.17 -20.82 7.26
N THR D 187 25.11 -20.89 8.07
CA THR D 187 24.13 -19.80 8.14
C THR D 187 24.59 -18.73 9.12
N GLY D 188 24.01 -17.55 8.97
CA GLY D 188 24.23 -16.46 9.91
C GLY D 188 22.99 -15.63 10.06
N TYR D 189 22.82 -15.05 11.25
CA TYR D 189 21.66 -14.23 11.58
C TYR D 189 22.16 -13.11 12.49
N SER D 190 22.22 -11.89 11.96
CA SER D 190 22.74 -10.75 12.70
C SER D 190 21.56 -9.91 13.18
N THR D 191 21.40 -9.82 14.50
CA THR D 191 20.25 -9.14 15.09
C THR D 191 20.61 -8.06 16.10
N ARG D 192 21.86 -8.02 16.59
CA ARG D 192 22.18 -7.12 17.69
C ARG D 192 22.43 -5.69 17.24
N ILE D 193 22.77 -5.48 15.97
CA ILE D 193 23.04 -4.15 15.44
C ILE D 193 22.38 -4.05 14.07
N GLU D 194 21.79 -2.89 13.79
CA GLU D 194 21.11 -2.71 12.52
C GLU D 194 22.13 -2.55 11.40
N PRO D 195 21.79 -2.99 10.17
CA PRO D 195 20.52 -3.63 9.80
C PRO D 195 20.52 -5.13 10.09
N LYS D 196 19.39 -5.66 10.55
CA LYS D 196 19.29 -7.11 10.74
C LYS D 196 19.34 -7.81 9.39
N ILE D 197 20.22 -8.80 9.26
CA ILE D 197 20.43 -9.51 8.01
C ILE D 197 20.61 -10.99 8.29
N GLY D 198 20.34 -11.80 7.28
CA GLY D 198 20.67 -13.21 7.30
C GLY D 198 21.78 -13.50 6.31
N TRP D 199 22.62 -14.48 6.65
CA TRP D 199 23.72 -14.93 5.79
C TRP D 199 23.50 -16.39 5.40
N TRP D 200 24.02 -16.76 4.23
CA TRP D 200 24.33 -18.15 3.93
C TRP D 200 25.56 -18.15 3.03
N VAL D 201 26.64 -18.80 3.47
CA VAL D 201 27.89 -18.83 2.74
C VAL D 201 28.43 -20.24 2.71
N GLY D 202 29.06 -20.60 1.61
CA GLY D 202 29.62 -21.94 1.45
C GLY D 202 29.92 -22.22 -0.01
N TRP D 203 29.76 -23.48 -0.38
CA TRP D 203 29.97 -23.86 -1.77
C TRP D 203 29.18 -25.13 -2.08
N VAL D 204 28.98 -25.34 -3.38
CA VAL D 204 28.30 -26.52 -3.92
C VAL D 204 29.34 -27.31 -4.70
N GLU D 205 29.59 -28.54 -4.26
CA GLU D 205 30.54 -29.41 -4.94
C GLU D 205 29.79 -30.22 -6.00
N LEU D 206 30.25 -30.12 -7.24
CA LEU D 206 29.75 -30.95 -8.33
C LEU D 206 30.84 -31.92 -8.76
N ASP D 207 30.46 -32.84 -9.67
CA ASP D 207 31.40 -33.84 -10.14
C ASP D 207 32.69 -33.22 -10.68
N ASP D 208 32.58 -32.12 -11.43
CA ASP D 208 33.76 -31.57 -12.11
C ASP D 208 33.84 -30.06 -11.97
N ASN D 209 33.25 -29.50 -10.92
CA ASN D 209 33.37 -28.07 -10.65
C ASN D 209 32.90 -27.79 -9.23
N VAL D 210 33.21 -26.60 -8.74
CA VAL D 210 32.74 -26.12 -7.45
C VAL D 210 32.22 -24.71 -7.63
N TRP D 211 31.02 -24.45 -7.13
CA TRP D 211 30.41 -23.13 -7.13
C TRP D 211 30.40 -22.60 -5.71
N PHE D 212 31.21 -21.57 -5.44
CA PHE D 212 31.15 -20.89 -4.16
C PHE D 212 30.03 -19.89 -4.17
N PHE D 213 29.39 -19.70 -3.01
CA PHE D 213 28.30 -18.76 -2.91
C PHE D 213 28.36 -18.02 -1.58
N ALA D 214 27.84 -16.79 -1.60
CA ALA D 214 27.68 -16.00 -0.40
C ALA D 214 26.46 -15.11 -0.62
N MET D 215 25.48 -15.21 0.26
CA MET D 215 24.27 -14.42 0.16
C MET D 215 23.98 -13.77 1.50
N ASN D 216 23.44 -12.57 1.44
CA ASN D 216 22.82 -11.97 2.61
C ASN D 216 21.57 -11.23 2.17
N MET D 217 20.67 -11.03 3.12
CA MET D 217 19.38 -10.41 2.84
C MET D 217 18.89 -9.72 4.11
N ASP D 218 18.12 -8.65 3.93
CA ASP D 218 17.49 -8.02 5.07
C ASP D 218 16.58 -9.01 5.78
N MET D 219 16.63 -9.02 7.11
CA MET D 219 15.91 -10.01 7.92
C MET D 219 15.27 -9.30 9.10
N PRO D 220 14.20 -8.54 8.85
CA PRO D 220 13.55 -7.81 9.95
C PRO D 220 12.97 -8.72 11.02
N THR D 221 12.52 -9.92 10.67
CA THR D 221 12.01 -10.87 11.65
C THR D 221 12.58 -12.26 11.34
N SER D 222 12.49 -13.14 12.34
CA SER D 222 12.98 -14.50 12.19
C SER D 222 12.11 -15.35 11.27
N ASP D 223 10.93 -14.87 10.90
CA ASP D 223 10.04 -15.67 10.05
C ASP D 223 10.65 -15.98 8.70
N GLY D 224 11.55 -15.12 8.21
CA GLY D 224 12.12 -15.28 6.89
C GLY D 224 13.45 -16.01 6.84
N LEU D 225 13.86 -16.67 7.93
CA LEU D 225 15.19 -17.27 7.95
C LEU D 225 15.33 -18.36 6.89
N GLY D 226 14.26 -19.13 6.65
CA GLY D 226 14.32 -20.16 5.63
C GLY D 226 14.58 -19.63 4.24
N LEU D 227 14.35 -18.33 4.01
CA LEU D 227 14.59 -17.75 2.69
C LEU D 227 16.07 -17.67 2.35
N ARG D 228 16.96 -17.68 3.36
CA ARG D 228 18.38 -17.68 3.07
C ARG D 228 18.76 -18.84 2.16
N GLN D 229 18.35 -20.06 2.54
CA GLN D 229 18.63 -21.23 1.71
C GLN D 229 17.71 -21.31 0.51
N ALA D 230 16.43 -20.96 0.69
CA ALA D 230 15.46 -21.12 -0.39
C ALA D 230 15.79 -20.22 -1.57
N ILE D 231 16.12 -18.95 -1.30
CA ILE D 231 16.45 -18.03 -2.39
C ILE D 231 17.73 -18.46 -3.08
N THR D 232 18.76 -18.84 -2.31
CA THR D 232 20.00 -19.29 -2.92
C THR D 232 19.75 -20.46 -3.85
N LYS D 233 18.95 -21.44 -3.42
CA LYS D 233 18.69 -22.60 -4.25
C LYS D 233 17.86 -22.25 -5.48
N GLU D 234 16.96 -21.28 -5.37
CA GLU D 234 16.23 -20.83 -6.55
C GLU D 234 17.19 -20.30 -7.61
N VAL D 235 18.20 -19.53 -7.19
CA VAL D 235 19.21 -19.03 -8.12
C VAL D 235 20.04 -20.18 -8.68
N LEU D 236 20.46 -21.09 -7.81
CA LEU D 236 21.26 -22.23 -8.28
C LEU D 236 20.49 -23.05 -9.31
N LYS D 237 19.19 -23.26 -9.08
CA LYS D 237 18.38 -23.99 -10.05
C LYS D 237 18.27 -23.21 -11.35
N GLN D 238 18.01 -21.90 -11.26
CA GLN D 238 17.90 -21.09 -12.46
C GLN D 238 19.15 -21.17 -13.32
N GLU D 239 20.33 -21.10 -12.69
CA GLU D 239 21.60 -21.17 -13.41
C GLU D 239 22.00 -22.60 -13.75
N LYS D 240 21.11 -23.57 -13.57
CA LYS D 240 21.37 -24.96 -13.95
C LYS D 240 22.52 -25.56 -13.15
N ILE D 241 22.80 -25.03 -11.96
CA ILE D 241 23.88 -25.58 -11.14
C ILE D 241 23.41 -26.82 -10.38
N ILE D 242 22.18 -26.79 -9.85
CA ILE D 242 21.59 -27.96 -9.22
C ILE D 242 20.26 -28.22 -9.90
N PRO D 243 19.77 -29.47 -9.85
CA PRO D 243 18.46 -29.77 -10.45
C PRO D 243 17.31 -29.09 -9.71
C2 Z8R E . -3.52 15.40 11.62
O2 Z8R E . -0.30 16.44 3.37
C4 Z8R E . -4.44 13.28 10.98
C5 Z8R E . -4.73 13.01 12.31
C7 Z8R E . -3.43 14.74 9.21
C6 Z8R E . -4.42 13.93 13.29
C8 Z8R E . -2.11 15.02 8.85
C Z8R E . -3.54 16.17 14.00
C1 Z8R E . -3.82 15.13 12.95
C10 Z8R E . -4.40 14.82 8.20
C11 Z8R E . -4.05 15.17 6.91
C12 Z8R E . -2.73 15.45 6.57
C13 Z8R E . -2.40 15.89 5.17
C14 Z8R E . -1.49 18.68 2.86
C3 Z8R E . -3.81 14.48 10.62
C9 Z8R E . -1.78 15.37 7.57
N Z8R E . -1.81 17.24 5.14
O Z8R E . -3.05 17.27 13.63
O1 Z8R E . -3.83 15.89 15.19
O3 Z8R E . 0.29 18.43 4.70
S Z8R E . -0.70 17.65 4.03
H Z8R E . -3.02 16.34 11.36
H1 Z8R E . -4.70 12.54 10.22
H2 Z8R E . -5.20 12.07 12.58
H3 Z8R E . -4.64 13.72 14.33
H4 Z8R E . -1.32 14.97 9.61
H6 Z8R E . -5.43 14.61 8.43
H7 Z8R E . -4.83 15.22 6.15
H9 Z8R E . -3.32 15.83 4.61
H8 Z8R E . -1.70 15.22 4.70
H13 Z8R E . -2.55 18.47 2.66
H11 Z8R E . -1.03 18.69 1.87
H12 Z8R E . -1.52 19.73 3.13
H5 Z8R E . -0.73 15.58 7.32
H10 Z8R E . -2.16 17.85 5.87
CL CL F . -15.29 12.13 31.23
C2 Z8R G . 1.45 20.12 -9.26
O2 Z8R G . 1.99 16.86 -2.91
C4 Z8R G . 0.07 22.03 -8.77
C5 Z8R G . 0.24 22.47 -10.08
C7 Z8R G . 0.59 20.42 -6.93
C6 Z8R G . 1.00 21.75 -10.97
C8 Z8R G . 1.73 20.20 -6.16
C Z8R G . 2.39 19.75 -11.57
C1 Z8R G . 1.60 20.57 -10.57
C10 Z8R G . -0.64 20.26 -6.31
C11 Z8R G . -0.74 19.94 -4.96
C12 Z8R G . 0.40 19.75 -4.20
C13 Z8R G . 0.32 19.53 -2.71
C14 Z8R G . 2.10 17.97 -0.58
C3 Z8R G . 0.68 20.85 -8.35
C9 Z8R G . 1.64 19.88 -4.82
N Z8R G . -0.01 18.16 -2.30
O Z8R G . 2.88 18.65 -11.16
O1 Z8R G . 2.51 20.19 -12.73
O3 Z8R G . 0.48 16.04 -1.15
S Z8R G . 1.15 17.13 -1.79
H Z8R G . 1.94 19.20 -8.96
H1 Z8R G . -0.54 22.61 -8.09
H2 Z8R G . -0.24 23.40 -10.40
H3 Z8R G . 1.14 22.10 -11.99
H4 Z8R G . 2.72 20.30 -6.61
H6 Z8R G . -1.56 20.41 -6.87
H7 Z8R G . -1.73 19.83 -4.51
H9 Z8R G . -0.41 20.26 -2.36
H8 Z8R G . 1.25 19.80 -2.23
H13 Z8R G . 3.18 17.85 -0.65
H11 Z8R G . 1.85 17.72 0.45
H12 Z8R G . 1.99 19.05 -0.60
H5 Z8R G . 2.55 19.73 -4.24
H10 Z8R G . -1.00 17.93 -2.38
CL CL H . -1.47 24.06 -31.63
S DMS I . 2.70 29.31 -23.03
O DMS I . 3.52 28.20 -22.44
C1 DMS I . 1.17 29.53 -22.08
C2 DMS I . 3.46 30.89 -22.65
H11 DMS I . 0.58 28.66 -22.17
H12 DMS I . 0.64 30.37 -22.45
H13 DMS I . 1.41 29.69 -21.06
H21 DMS I . 3.60 30.98 -21.59
H22 DMS I . 2.85 31.68 -22.98
H23 DMS I . 4.41 30.96 -23.13
C2 Z8R J . -22.13 -17.19 0.71
O2 Z8R J . -28.79 -15.85 6.76
C4 Z8R J . -20.95 -16.75 2.76
C5 Z8R J . -19.74 -16.99 2.11
C7 Z8R J . -23.45 -16.58 2.74
C6 Z8R J . -19.74 -17.33 0.76
C8 Z8R J . -23.55 -15.64 3.77
C Z8R J . -20.91 -17.77 -1.42
C1 Z8R J . -20.92 -17.42 0.06
C10 Z8R J . -24.62 -17.20 2.32
C11 Z8R J . -25.84 -16.89 2.89
C12 Z8R J . -25.93 -15.94 3.90
C13 Z8R J . -27.29 -15.50 4.39
C14 Z8R J . -30.85 -16.11 5.21
C3 Z8R J . -22.16 -16.85 2.06
C9 Z8R J . -24.78 -15.33 4.34
N Z8R J . -28.28 -16.59 4.47
O Z8R J . -22.01 -17.83 -2.01
O1 Z8R J . -19.80 -17.96 -1.96
O3 Z8R J . -29.43 -18.11 6.02
S Z8R J . -29.29 -16.72 5.73
H Z8R J . -23.05 -17.28 0.15
H1 Z8R J . -20.94 -16.48 3.80
H2 Z8R J . -18.81 -16.91 2.65
H3 Z8R J . -18.79 -17.52 0.25
H4 Z8R J . -22.66 -15.14 4.14
H6 Z8R J . -24.58 -17.96 1.54
H7 Z8R J . -26.74 -17.41 2.55
H9 Z8R J . -27.60 -14.70 3.73
H8 Z8R J . -27.22 -15.04 5.38
H13 Z8R J . -31.12 -16.28 4.17
H11 Z8R J . -30.99 -15.05 5.36
H12 Z8R J . -31.69 -16.55 5.73
H5 Z8R J . -24.82 -14.59 5.14
H10 Z8R J . -28.24 -17.21 3.67
C1 EDO K . -19.19 -34.33 -2.60
O1 EDO K . -18.37 -34.74 -1.49
C2 EDO K . -19.11 -32.83 -2.79
O2 EDO K . -18.20 -32.48 -3.84
H11 EDO K . -18.84 -34.84 -3.51
H12 EDO K . -20.21 -34.63 -2.43
HO1 EDO K . -18.42 -35.69 -1.39
H21 EDO K . -20.11 -32.44 -3.04
H22 EDO K . -18.80 -32.35 -1.87
HO2 EDO K . -18.16 -31.52 -3.95
C2 Z8R L . 19.08 -19.88 13.67
O2 Z8R L . 12.74 -17.40 19.96
C4 Z8R L . 19.19 -20.85 15.86
C5 Z8R L . 19.98 -21.88 15.37
C7 Z8R L . 17.81 -18.78 15.53
C6 Z8R L . 20.32 -21.90 14.03
C8 Z8R L . 18.21 -17.90 16.52
C Z8R L . 20.28 -20.91 11.71
C1 Z8R L . 19.88 -20.90 13.17
C10 Z8R L . 16.50 -18.68 15.07
C11 Z8R L . 15.63 -17.74 15.58
C12 Z8R L . 16.03 -16.87 16.59
C13 Z8R L . 15.03 -15.96 17.24
C14 Z8R L . 15.09 -16.46 20.47
C3 Z8R L . 18.72 -19.84 15.02
C9 Z8R L . 17.34 -16.96 17.04
N Z8R L . 14.03 -16.75 17.98
O Z8R L . 19.86 -19.97 11.00
O1 Z8R L . 20.97 -21.87 11.30
O3 Z8R L . 13.17 -15.03 19.51
S Z8R L . 13.63 -16.38 19.51
H Z8R L . 18.73 -19.10 12.99
H1 Z8R L . 18.93 -20.84 16.92
H2 Z8R L . 20.34 -22.66 16.03
H3 Z8R L . 20.94 -22.71 13.63
H4 Z8R L . 19.23 -17.93 16.91
H6 Z8R L . 16.16 -19.36 14.28
H7 Z8R L . 14.62 -17.69 15.19
H9 Z8R L . 14.60 -15.36 16.44
H8 Z8R L . 15.50 -15.26 17.93
H13 Z8R L . 16.02 -16.62 19.94
H11 Z8R L . 15.07 -17.24 21.24
H12 Z8R L . 15.30 -15.56 21.04
H5 Z8R L . 17.68 -16.29 17.83
H10 Z8R L . 13.64 -17.51 17.44
C1 EDO M . 38.35 -33.89 -12.62
O1 EDO M . 37.81 -33.51 -13.89
C2 EDO M . 37.43 -34.89 -11.94
O2 EDO M . 36.08 -34.44 -12.05
H11 EDO M . 39.35 -34.33 -12.77
H12 EDO M . 38.47 -33.00 -11.99
HO1 EDO M . 38.39 -32.88 -14.32
H21 EDO M . 37.54 -35.87 -12.42
H22 EDO M . 37.71 -34.99 -10.89
HO2 EDO M . 35.49 -35.09 -11.62
#